data_8AXF
#
_entry.id   8AXF
#
_cell.length_a   53.170
_cell.length_b   151.820
_cell.length_c   169.570
_cell.angle_alpha   90.000
_cell.angle_beta   90.000
_cell.angle_gamma   90.000
#
_symmetry.space_group_name_H-M   'P 21 21 21'
#
loop_
_entity.id
_entity.type
_entity.pdbx_description
1 polymer 'Nucleocapsid protein'
2 polymer 'RNA (42-MER)'
3 non-polymer 'MAGNESIUM ION'
4 non-polymer GLYCEROL
5 water water
#
loop_
_entity_poly.entity_id
_entity_poly.type
_entity_poly.pdbx_seq_one_letter_code
_entity_poly.pdbx_strand_id
1 'polypeptide(L)'
;MAPKSKTTSASSSKITPGQMQENTVLLGSGSKLKAIKLTNVVNGKLTHPETSDLKPIDVEVQAFTSASQNISNFTLHKYR
NICHVDTCAAHLSKSKENKEKLQARNLRLIVSSNEFLVVVKELNDSTVDNVVSFNKACAIMSAGVLKHTFDEEFDWKLSK
YVKTNNTTKVIPDVKIINRLAGQMGLSAGNPYYWMIVPGYEFLYELYPAEVLAYTLVRLQYRKNLNIPDSMTDADIVSSL
VMKMNRIHKLEQTSFDEALNLIGKDNVSEAYVELARDIGSTSKTKRNDEAILKFRELIASFLPALEADRIASAHV
;
A,D,C,B
2 'polyribonucleotide' UUUUUUUUUUUUUUUUUUUUUUUUUUUUUUUUUUUUUUUUUU Q
#
loop_
_chem_comp.id
_chem_comp.type
_chem_comp.name
_chem_comp.formula
GOL non-polymer GLYCEROL 'C3 H8 O3'
MG non-polymer 'MAGNESIUM ION' 'Mg 2'
U RNA linking URIDINE-5'-MONOPHOSPHATE 'C9 H13 N2 O9 P'
#
# COMPACT_ATOMS: atom_id res chain seq x y z
N SER A 52 -26.93 -12.98 -1.89
CA SER A 52 -27.17 -12.54 -3.26
C SER A 52 -25.94 -12.77 -4.14
N ASP A 53 -26.15 -13.61 -5.16
CA ASP A 53 -25.16 -13.90 -6.20
C ASP A 53 -23.84 -14.35 -5.59
N LEU A 54 -23.94 -15.35 -4.73
CA LEU A 54 -22.77 -15.94 -4.08
C LEU A 54 -22.89 -17.45 -4.12
N LYS A 55 -21.83 -18.09 -4.61
CA LYS A 55 -21.69 -19.54 -4.55
C LYS A 55 -20.80 -19.90 -3.39
N PRO A 56 -21.32 -20.54 -2.34
CA PRO A 56 -20.48 -21.01 -1.25
C PRO A 56 -19.89 -22.38 -1.59
N ILE A 57 -18.90 -22.77 -0.79
CA ILE A 57 -18.35 -24.12 -0.79
C ILE A 57 -18.59 -24.75 0.57
N ASP A 58 -18.84 -26.06 0.54
CA ASP A 58 -19.32 -26.81 1.70
C ASP A 58 -18.12 -27.30 2.50
N VAL A 59 -17.75 -26.50 3.51
CA VAL A 59 -16.62 -26.82 4.37
C VAL A 59 -16.94 -28.04 5.22
N GLU A 60 -15.96 -28.93 5.34
CA GLU A 60 -16.11 -30.16 6.10
C GLU A 60 -16.04 -29.89 7.59
N VAL A 61 -16.74 -30.73 8.34
CA VAL A 61 -16.71 -30.71 9.81
C VAL A 61 -15.54 -31.60 10.22
N GLN A 62 -14.38 -30.98 10.43
CA GLN A 62 -13.18 -31.68 10.87
C GLN A 62 -12.56 -30.90 12.01
N ALA A 63 -12.43 -31.53 13.16
CA ALA A 63 -11.88 -30.89 14.33
C ALA A 63 -10.36 -30.93 14.30
N PHE A 64 -9.75 -29.85 14.80
CA PHE A 64 -8.31 -29.81 15.05
C PHE A 64 -8.02 -30.57 16.34
N THR A 65 -7.44 -31.76 16.22
CA THR A 65 -7.00 -32.55 17.34
C THR A 65 -5.48 -32.42 17.49
N SER A 66 -4.96 -32.97 18.57
CA SER A 66 -3.56 -32.85 18.88
C SER A 66 -2.71 -33.59 17.84
N ALA A 67 -1.44 -33.23 17.80
CA ALA A 67 -0.46 -33.89 16.93
C ALA A 67 -0.88 -33.90 15.46
N SER A 72 8.15 -31.40 13.01
CA SER A 72 9.25 -30.59 12.43
C SER A 72 10.59 -31.24 12.77
N ASN A 73 10.98 -32.26 12.01
CA ASN A 73 12.24 -32.96 12.28
C ASN A 73 13.36 -32.51 11.35
N PHE A 74 13.19 -31.38 10.67
CA PHE A 74 14.13 -30.97 9.64
C PHE A 74 15.53 -30.78 10.20
N THR A 75 16.49 -31.45 9.58
CA THR A 75 17.90 -31.37 9.96
C THR A 75 18.72 -31.39 8.69
N LEU A 76 19.56 -30.37 8.49
CA LEU A 76 20.35 -30.28 7.28
C LEU A 76 21.32 -31.45 7.10
N HIS A 77 21.54 -32.24 8.15
CA HIS A 77 22.49 -33.35 8.07
C HIS A 77 21.97 -34.52 7.24
N LYS A 78 20.70 -34.51 6.85
CA LYS A 78 20.19 -35.55 5.96
C LYS A 78 20.44 -35.26 4.49
N TYR A 79 20.97 -34.07 4.17
CA TYR A 79 21.15 -33.64 2.79
C TYR A 79 22.57 -33.17 2.51
N ARG A 80 23.51 -33.55 3.37
CA ARG A 80 24.89 -33.02 3.25
C ARG A 80 25.66 -33.56 2.06
N ASN A 81 25.34 -34.76 1.59
CA ASN A 81 26.15 -35.39 0.52
C ASN A 81 25.26 -35.69 -0.68
N ILE A 82 24.19 -34.92 -0.88
CA ILE A 82 23.26 -35.17 -1.97
C ILE A 82 23.31 -34.11 -3.04
N CYS A 83 24.24 -33.16 -2.96
CA CYS A 83 24.23 -32.00 -3.83
C CYS A 83 25.42 -31.99 -4.76
N HIS A 84 25.17 -31.73 -6.05
CA HIS A 84 26.21 -31.39 -6.99
C HIS A 84 26.41 -29.88 -6.92
N VAL A 85 27.64 -29.45 -6.64
CA VAL A 85 27.89 -28.08 -6.21
C VAL A 85 27.42 -27.08 -7.27
N ASP A 86 27.89 -27.23 -8.50
CA ASP A 86 27.54 -26.28 -9.55
C ASP A 86 26.07 -26.34 -9.94
N THR A 87 25.42 -27.49 -9.71
CA THR A 87 23.98 -27.57 -9.95
C THR A 87 23.22 -26.76 -8.91
N CYS A 88 23.59 -26.94 -7.64
CA CYS A 88 22.92 -26.22 -6.56
C CYS A 88 23.15 -24.72 -6.67
N ALA A 89 24.39 -24.32 -6.96
CA ALA A 89 24.68 -22.89 -7.10
C ALA A 89 23.92 -22.26 -8.25
N ALA A 90 23.68 -23.02 -9.32
CA ALA A 90 22.91 -22.51 -10.44
C ALA A 90 21.45 -22.31 -10.04
N HIS A 91 20.87 -23.25 -9.31
CA HIS A 91 19.51 -23.09 -8.81
C HIS A 91 19.40 -21.88 -7.88
N LEU A 92 20.40 -21.70 -7.00
CA LEU A 92 20.37 -20.56 -6.11
C LEU A 92 20.50 -19.24 -6.85
N SER A 93 21.20 -19.26 -7.98
CA SER A 93 21.40 -18.04 -8.81
C SER A 93 20.08 -17.60 -9.44
N LYS A 94 19.05 -18.44 -9.36
CA LYS A 94 17.77 -18.13 -10.02
C LYS A 94 16.66 -18.21 -8.98
N SER A 95 16.99 -17.86 -7.74
CA SER A 95 16.02 -17.96 -6.61
C SER A 95 14.81 -17.04 -6.84
N LYS A 96 15.02 -15.86 -7.42
CA LYS A 96 13.90 -14.91 -7.61
C LYS A 96 12.93 -15.52 -8.60
N GLU A 97 13.45 -15.97 -9.73
CA GLU A 97 12.62 -16.55 -10.80
C GLU A 97 11.94 -17.82 -10.28
N ASN A 98 12.60 -18.57 -9.39
CA ASN A 98 12.06 -19.85 -8.90
C ASN A 98 10.90 -19.58 -7.93
N LYS A 99 11.04 -18.55 -7.10
CA LYS A 99 9.99 -18.26 -6.10
C LYS A 99 8.72 -17.81 -6.81
N GLU A 100 8.86 -17.14 -7.95
CA GLU A 100 7.69 -16.65 -8.72
C GLU A 100 7.04 -17.84 -9.43
N LYS A 101 7.85 -18.77 -9.91
CA LYS A 101 7.31 -19.99 -10.55
C LYS A 101 6.56 -20.80 -9.51
N LEU A 102 6.97 -20.72 -8.24
CA LEU A 102 6.33 -21.48 -7.15
C LEU A 102 4.93 -20.93 -6.91
N GLN A 103 4.74 -19.64 -7.08
CA GLN A 103 3.44 -19.01 -6.77
C GLN A 103 2.34 -19.65 -7.63
N ALA A 104 2.68 -20.17 -8.80
CA ALA A 104 1.70 -20.83 -9.67
C ALA A 104 1.69 -22.33 -9.39
N ARG A 105 2.76 -23.03 -9.79
CA ARG A 105 2.78 -24.51 -9.61
C ARG A 105 3.97 -24.91 -8.75
N ASN A 106 3.89 -26.10 -8.15
CA ASN A 106 5.00 -26.59 -7.28
C ASN A 106 6.18 -26.98 -8.18
N LEU A 107 7.39 -27.01 -7.65
CA LEU A 107 8.56 -27.22 -8.53
C LEU A 107 9.36 -28.48 -8.21
N ARG A 108 9.96 -29.08 -9.24
CA ARG A 108 10.87 -30.23 -9.03
C ARG A 108 12.25 -29.74 -9.44
N LEU A 109 13.19 -29.78 -8.51
CA LEU A 109 14.54 -29.28 -8.78
C LEU A 109 15.55 -30.42 -8.64
N ILE A 110 16.31 -30.67 -9.69
CA ILE A 110 17.36 -31.71 -9.64
C ILE A 110 18.58 -31.07 -9.01
N VAL A 111 19.07 -31.63 -7.91
CA VAL A 111 20.20 -31.08 -7.18
C VAL A 111 21.45 -31.93 -7.31
N SER A 112 21.33 -33.15 -7.82
CA SER A 112 22.45 -33.96 -8.28
C SER A 112 21.89 -34.90 -9.32
N SER A 113 22.76 -35.57 -10.06
CA SER A 113 22.18 -36.43 -11.08
C SER A 113 21.45 -37.63 -10.50
N ASN A 114 21.45 -37.83 -9.19
CA ASN A 114 20.69 -38.91 -8.57
C ASN A 114 19.70 -38.45 -7.51
N GLU A 115 19.70 -37.18 -7.14
CA GLU A 115 18.82 -36.67 -6.08
C GLU A 115 18.08 -35.44 -6.58
N PHE A 116 16.93 -35.17 -5.95
CA PHE A 116 16.13 -34.02 -6.32
C PHE A 116 15.32 -33.57 -5.10
N LEU A 117 14.65 -32.42 -5.26
CA LEU A 117 13.82 -31.85 -4.16
C LEU A 117 12.45 -31.48 -4.73
N VAL A 118 11.40 -31.46 -3.92
CA VAL A 118 10.08 -30.96 -4.41
C VAL A 118 9.72 -29.72 -3.60
N VAL A 119 9.86 -28.54 -4.20
CA VAL A 119 9.55 -27.23 -3.53
C VAL A 119 8.04 -27.00 -3.58
N VAL A 120 7.39 -26.95 -2.41
CA VAL A 120 5.91 -26.79 -2.32
C VAL A 120 5.62 -25.55 -1.47
N LYS A 121 4.62 -24.75 -1.84
CA LYS A 121 4.27 -23.57 -1.07
C LYS A 121 3.37 -23.95 0.11
N GLU A 122 3.63 -23.30 1.25
CA GLU A 122 2.85 -23.47 2.47
C GLU A 122 2.96 -24.89 3.02
N LEU A 123 4.17 -25.44 3.00
CA LEU A 123 4.38 -26.82 3.50
C LEU A 123 4.92 -26.75 4.93
N ASN A 124 4.09 -27.08 5.91
CA ASN A 124 4.54 -26.94 7.33
C ASN A 124 5.08 -28.27 7.85
N ASP A 125 4.77 -29.38 7.17
CA ASP A 125 5.30 -30.67 7.59
C ASP A 125 5.24 -31.67 6.45
N SER A 126 6.10 -32.68 6.54
CA SER A 126 6.18 -33.76 5.56
C SER A 126 7.10 -34.87 6.06
N THR A 127 6.58 -36.09 6.20
CA THR A 127 7.46 -37.21 6.51
C THR A 127 8.44 -37.48 5.38
N VAL A 128 8.11 -37.05 4.17
CA VAL A 128 8.93 -37.31 2.99
C VAL A 128 10.03 -36.26 2.91
N ASP A 129 11.29 -36.72 2.88
CA ASP A 129 12.39 -35.81 3.25
C ASP A 129 12.64 -34.77 2.17
N ASN A 130 12.54 -35.16 0.91
CA ASN A 130 12.86 -34.30 -0.22
C ASN A 130 11.65 -33.52 -0.72
N VAL A 131 10.59 -33.46 0.09
CA VAL A 131 9.44 -32.56 -0.21
C VAL A 131 9.58 -31.47 0.84
N VAL A 132 9.85 -30.24 0.41
CA VAL A 132 10.27 -29.17 1.31
C VAL A 132 9.67 -27.85 0.86
N SER A 133 9.69 -26.88 1.77
CA SER A 133 9.30 -25.52 1.45
C SER A 133 10.41 -24.84 0.64
N PHE A 134 10.17 -23.59 0.24
CA PHE A 134 11.18 -22.83 -0.56
C PHE A 134 12.39 -22.52 0.32
N ASN A 135 12.14 -22.01 1.53
CA ASN A 135 13.26 -21.65 2.38
C ASN A 135 14.09 -22.87 2.74
N LYS A 136 13.45 -24.01 2.92
CA LYS A 136 14.18 -25.24 3.29
C LYS A 136 14.97 -25.73 2.08
N ALA A 137 14.43 -25.58 0.88
CA ALA A 137 15.11 -26.02 -0.33
C ALA A 137 16.37 -25.21 -0.59
N CYS A 138 16.26 -23.87 -0.51
CA CYS A 138 17.44 -23.03 -0.68
C CYS A 138 18.48 -23.33 0.38
N ALA A 139 18.04 -23.61 1.61
CA ALA A 139 18.99 -23.91 2.67
C ALA A 139 19.72 -25.22 2.41
N ILE A 140 18.99 -26.24 1.96
CA ILE A 140 19.62 -27.51 1.59
C ILE A 140 20.64 -27.29 0.48
N MET A 141 20.23 -26.58 -0.58
CA MET A 141 21.14 -26.34 -1.70
C MET A 141 22.32 -25.46 -1.29
N SER A 142 22.13 -24.49 -0.40
CA SER A 142 23.25 -23.63 0.07
C SER A 142 24.26 -24.45 0.84
N ALA A 143 23.79 -25.30 1.73
CA ALA A 143 24.69 -26.13 2.56
C ALA A 143 25.57 -27.00 1.66
N GLY A 144 25.02 -27.53 0.58
CA GLY A 144 25.81 -28.32 -0.37
C GLY A 144 27.02 -27.58 -0.87
N VAL A 145 26.89 -26.27 -1.09
CA VAL A 145 28.01 -25.44 -1.59
C VAL A 145 28.90 -25.02 -0.42
N LEU A 146 28.31 -24.76 0.75
CA LEU A 146 29.08 -24.25 1.91
C LEU A 146 29.93 -25.34 2.55
N LYS A 147 29.72 -26.60 2.19
CA LYS A 147 30.54 -27.72 2.70
C LYS A 147 31.92 -27.64 2.03
N HIS A 148 32.03 -26.91 0.92
CA HIS A 148 33.30 -26.85 0.17
C HIS A 148 33.87 -25.44 0.23
N THR A 149 33.22 -24.53 0.95
CA THR A 149 33.67 -23.12 1.03
C THR A 149 33.98 -22.79 2.49
N PHE A 150 33.16 -23.27 3.41
CA PHE A 150 33.41 -23.06 4.85
C PHE A 150 34.15 -24.29 5.36
N ASP A 151 35.17 -24.10 6.19
CA ASP A 151 36.01 -25.25 6.62
C ASP A 151 35.58 -25.74 8.00
N GLU A 152 34.71 -25.00 8.69
CA GLU A 152 34.32 -25.37 10.06
C GLU A 152 32.80 -25.41 10.18
N GLU A 153 32.27 -26.38 10.93
CA GLU A 153 30.81 -26.51 11.13
C GLU A 153 30.55 -26.71 12.63
N PHE A 154 29.32 -26.52 13.08
CA PHE A 154 29.08 -26.57 14.55
C PHE A 154 28.52 -27.90 14.99
N ASP A 155 29.14 -28.49 16.00
CA ASP A 155 28.64 -29.71 16.63
C ASP A 155 27.92 -29.30 17.92
N TRP A 156 26.63 -29.57 17.99
CA TRP A 156 25.83 -29.03 19.08
C TRP A 156 25.97 -29.83 20.37
N LYS A 157 26.26 -31.12 20.28
CA LYS A 157 26.54 -31.89 21.49
C LYS A 157 27.94 -31.63 22.03
N LEU A 158 28.87 -31.21 21.18
CA LEU A 158 30.22 -30.85 21.60
C LEU A 158 30.33 -29.37 21.93
N SER A 159 29.34 -28.56 21.54
CA SER A 159 29.26 -27.16 21.91
C SER A 159 30.47 -26.37 21.43
N LYS A 160 30.89 -26.64 20.19
CA LYS A 160 32.02 -25.94 19.60
C LYS A 160 32.01 -26.18 18.09
N TYR A 161 32.85 -25.42 17.39
CA TYR A 161 33.05 -25.63 15.96
C TYR A 161 34.07 -26.76 15.76
N VAL A 162 33.69 -27.73 14.92
CA VAL A 162 34.58 -28.81 14.54
C VAL A 162 34.77 -28.78 13.03
N LYS A 163 35.97 -29.14 12.57
CA LYS A 163 36.30 -29.01 11.13
C LYS A 163 35.44 -29.91 10.23
N THR A 164 35.02 -29.37 9.09
CA THR A 164 34.25 -30.15 8.10
C THR A 164 35.25 -30.99 7.32
N ASN A 165 35.17 -32.31 7.45
CA ASN A 165 36.11 -33.18 6.71
C ASN A 165 35.55 -33.44 5.31
N ASN A 166 36.01 -32.66 4.33
CA ASN A 166 35.55 -32.85 2.94
C ASN A 166 36.67 -33.48 2.13
N THR A 167 36.55 -34.76 1.82
CA THR A 167 37.59 -35.48 1.06
C THR A 167 37.63 -34.90 -0.35
N THR A 168 36.49 -34.87 -1.02
CA THR A 168 36.43 -34.36 -2.41
C THR A 168 36.01 -32.90 -2.40
N LYS A 169 36.94 -31.99 -2.11
CA LYS A 169 36.57 -30.57 -1.96
C LYS A 169 36.71 -29.86 -3.30
N VAL A 170 35.69 -29.11 -3.67
CA VAL A 170 35.55 -28.53 -5.04
C VAL A 170 35.39 -27.02 -4.89
N ILE A 171 35.55 -26.29 -5.99
CA ILE A 171 35.36 -24.82 -5.97
C ILE A 171 34.16 -24.47 -6.83
N PRO A 172 33.09 -23.87 -6.27
CA PRO A 172 31.96 -23.42 -7.06
C PRO A 172 32.37 -22.55 -8.27
N ASP A 173 31.67 -22.70 -9.39
CA ASP A 173 32.03 -21.95 -10.59
C ASP A 173 31.93 -20.46 -10.31
N VAL A 174 33.06 -19.75 -10.45
CA VAL A 174 33.09 -18.32 -10.21
C VAL A 174 32.16 -17.56 -11.14
N LYS A 175 31.77 -18.17 -12.26
CA LYS A 175 30.93 -17.50 -13.24
C LYS A 175 29.48 -17.38 -12.79
N ILE A 176 29.05 -18.16 -11.81
CA ILE A 176 27.67 -18.17 -11.36
C ILE A 176 27.48 -17.06 -10.33
N ILE A 177 26.61 -16.10 -10.64
CA ILE A 177 26.49 -14.86 -9.88
C ILE A 177 25.31 -14.95 -8.93
N ASN A 178 25.52 -14.53 -7.68
CA ASN A 178 24.46 -14.42 -6.68
C ASN A 178 24.12 -12.94 -6.53
N ARG A 179 22.99 -12.54 -7.10
CA ARG A 179 22.63 -11.13 -7.10
C ARG A 179 22.31 -10.61 -5.71
N LEU A 180 21.79 -11.47 -4.83
CA LEU A 180 21.64 -11.08 -3.43
C LEU A 180 22.99 -10.75 -2.81
N ALA A 181 24.02 -11.52 -3.16
CA ALA A 181 25.36 -11.29 -2.61
C ALA A 181 25.99 -10.03 -3.20
N GLY A 182 25.72 -9.74 -4.48
CA GLY A 182 26.23 -8.53 -5.08
C GLY A 182 25.66 -7.28 -4.43
N GLN A 183 24.39 -7.34 -4.03
CA GLN A 183 23.76 -6.20 -3.35
C GLN A 183 24.50 -5.84 -2.06
N MET A 184 25.18 -6.81 -1.45
CA MET A 184 26.01 -6.56 -0.27
C MET A 184 27.43 -6.14 -0.63
N GLY A 185 27.79 -6.15 -1.91
CA GLY A 185 29.16 -5.88 -2.30
C GLY A 185 30.06 -7.10 -2.32
N LEU A 186 29.54 -8.27 -1.96
CA LEU A 186 30.34 -9.49 -2.05
C LEU A 186 30.55 -9.87 -3.52
N SER A 187 31.74 -10.38 -3.82
CA SER A 187 32.05 -10.87 -5.15
C SER A 187 32.19 -12.39 -5.13
N ALA A 188 32.01 -12.98 -6.30
CA ALA A 188 32.11 -14.43 -6.44
C ALA A 188 33.50 -14.91 -6.04
N GLY A 189 33.53 -16.10 -5.43
CA GLY A 189 34.74 -16.63 -4.83
C GLY A 189 34.83 -16.40 -3.35
N ASN A 190 34.03 -15.50 -2.81
CA ASN A 190 33.97 -15.31 -1.36
C ASN A 190 33.31 -16.54 -0.73
N PRO A 191 33.88 -17.10 0.34
CA PRO A 191 33.26 -18.29 0.94
C PRO A 191 31.85 -18.06 1.46
N TYR A 192 31.47 -16.82 1.76
CA TYR A 192 30.10 -16.50 2.16
C TYR A 192 29.15 -16.33 0.99
N TYR A 193 29.68 -16.31 -0.24
CA TYR A 193 28.91 -15.88 -1.40
C TYR A 193 27.56 -16.59 -1.49
N TRP A 194 27.54 -17.91 -1.32
CA TRP A 194 26.32 -18.69 -1.49
C TRP A 194 25.60 -18.96 -0.17
N MET A 195 26.00 -18.30 0.92
CA MET A 195 25.18 -18.25 2.12
C MET A 195 24.10 -17.18 2.02
N ILE A 196 24.21 -16.29 1.03
CA ILE A 196 23.30 -15.13 0.94
C ILE A 196 22.14 -15.59 0.05
N VAL A 197 21.18 -16.26 0.68
CA VAL A 197 20.09 -16.92 -0.04
C VAL A 197 18.79 -16.76 0.75
N PRO A 198 17.65 -17.00 0.11
CA PRO A 198 16.41 -17.11 0.87
C PRO A 198 16.46 -18.32 1.79
N GLY A 199 15.87 -18.19 2.97
CA GLY A 199 15.89 -19.28 3.92
C GLY A 199 17.24 -19.57 4.52
N TYR A 200 18.15 -18.61 4.51
CA TYR A 200 19.47 -18.81 5.09
C TYR A 200 19.40 -19.16 6.57
N GLU A 201 18.33 -18.73 7.25
CA GLU A 201 18.26 -18.91 8.70
C GLU A 201 18.32 -20.38 9.09
N PHE A 202 17.97 -21.28 8.19
CA PHE A 202 18.03 -22.73 8.47
C PHE A 202 19.49 -23.15 8.59
N LEU A 203 20.39 -22.45 7.92
CA LEU A 203 21.82 -22.75 8.02
C LEU A 203 22.38 -22.48 9.41
N TYR A 204 21.59 -21.88 10.32
CA TYR A 204 22.05 -21.66 11.68
C TYR A 204 22.44 -22.97 12.35
N GLU A 205 21.84 -24.09 11.92
CA GLU A 205 22.18 -25.39 12.48
C GLU A 205 23.64 -25.73 12.26
N LEU A 206 24.22 -25.32 11.13
CA LEU A 206 25.59 -25.62 10.78
C LEU A 206 26.55 -24.46 11.04
N TYR A 207 26.12 -23.27 10.63
CA TYR A 207 26.99 -22.07 10.71
C TYR A 207 26.31 -21.01 11.59
N PRO A 208 26.15 -21.17 12.93
CA PRO A 208 25.36 -20.21 13.72
C PRO A 208 25.97 -18.82 13.80
N ALA A 209 27.28 -18.72 14.02
CA ALA A 209 27.92 -17.40 14.06
C ALA A 209 27.79 -16.68 12.72
N GLU A 210 27.92 -17.42 11.62
CA GLU A 210 27.85 -16.81 10.30
C GLU A 210 26.42 -16.40 9.96
N VAL A 211 25.44 -17.25 10.26
CA VAL A 211 24.04 -16.94 9.98
C VAL A 211 23.57 -15.77 10.83
N LEU A 212 23.94 -15.75 12.10
CA LEU A 212 23.60 -14.63 12.97
C LEU A 212 24.24 -13.34 12.47
N ALA A 213 25.48 -13.43 11.98
CA ALA A 213 26.17 -12.24 11.48
C ALA A 213 25.44 -11.66 10.27
N TYR A 214 25.04 -12.52 9.33
CA TYR A 214 24.27 -12.06 8.19
C TYR A 214 22.97 -11.40 8.64
N THR A 215 22.36 -11.91 9.71
CA THR A 215 21.13 -11.30 10.22
C THR A 215 21.40 -9.92 10.81
N LEU A 216 22.54 -9.75 11.50
CA LEU A 216 22.91 -8.45 12.02
C LEU A 216 23.12 -7.46 10.88
N VAL A 217 23.73 -7.91 9.78
CA VAL A 217 23.97 -7.03 8.64
C VAL A 217 22.66 -6.63 7.98
N ARG A 218 21.70 -7.56 7.89
CA ARG A 218 20.39 -7.21 7.37
C ARG A 218 19.66 -6.23 8.28
N LEU A 219 19.90 -6.31 9.59
CA LEU A 219 19.27 -5.38 10.51
C LEU A 219 19.90 -3.99 10.37
N GLN A 220 21.23 -3.92 10.37
CA GLN A 220 21.90 -2.61 10.36
C GLN A 220 21.77 -1.93 9.00
N TYR A 221 21.93 -2.68 7.91
CA TYR A 221 22.04 -2.10 6.57
C TYR A 221 20.84 -2.44 5.70
N ARG A 222 19.64 -2.40 6.29
CA ARG A 222 18.43 -2.70 5.55
C ARG A 222 18.23 -1.76 4.36
N LYS A 223 18.67 -0.50 4.49
CA LYS A 223 18.50 0.44 3.38
C LYS A 223 19.48 0.16 2.26
N ASN A 224 20.71 -0.21 2.58
CA ASN A 224 21.68 -0.58 1.55
C ASN A 224 21.21 -1.80 0.76
N LEU A 225 20.50 -2.70 1.44
CA LEU A 225 20.01 -3.93 0.83
C LEU A 225 18.61 -3.78 0.25
N ASN A 226 18.09 -2.55 0.17
CA ASN A 226 16.80 -2.25 -0.45
C ASN A 226 15.65 -2.97 0.24
N ILE A 227 15.80 -3.29 1.52
CA ILE A 227 14.68 -3.86 2.28
C ILE A 227 13.60 -2.79 2.43
N PRO A 228 12.35 -3.07 2.09
CA PRO A 228 11.31 -2.03 2.16
C PRO A 228 11.13 -1.53 3.59
N ASP A 229 10.93 -0.21 3.70
CA ASP A 229 10.64 0.38 5.01
C ASP A 229 9.33 -0.15 5.59
N SER A 230 8.50 -0.80 4.78
CA SER A 230 7.32 -1.50 5.29
C SER A 230 7.71 -2.50 6.37
N MET A 231 8.74 -3.28 6.12
CA MET A 231 9.12 -4.34 7.05
C MET A 231 9.70 -3.74 8.33
N THR A 232 9.28 -4.27 9.47
CA THR A 232 9.81 -3.86 10.76
C THR A 232 11.08 -4.65 11.08
N ASP A 233 11.80 -4.19 12.10
CA ASP A 233 12.99 -4.90 12.54
C ASP A 233 12.64 -6.29 13.07
N ALA A 234 11.46 -6.44 13.67
CA ALA A 234 11.07 -7.73 14.21
C ALA A 234 10.92 -8.78 13.10
N ASP A 235 10.36 -8.38 11.95
CA ASP A 235 10.22 -9.33 10.85
C ASP A 235 11.57 -9.73 10.28
N ILE A 236 12.55 -8.83 10.33
CA ILE A 236 13.88 -9.15 9.79
C ILE A 236 14.53 -10.27 10.60
N VAL A 237 14.34 -10.28 11.90
CA VAL A 237 15.03 -11.22 12.79
C VAL A 237 14.14 -12.38 13.24
N SER A 238 12.83 -12.32 12.96
CA SER A 238 11.90 -13.28 13.55
C SER A 238 12.28 -14.72 13.21
N SER A 239 12.53 -15.00 11.92
CA SER A 239 12.86 -16.39 11.49
C SER A 239 14.09 -16.89 12.24
N LEU A 240 15.11 -16.05 12.39
CA LEU A 240 16.32 -16.51 13.06
C LEU A 240 16.06 -16.80 14.53
N VAL A 241 15.30 -15.93 15.20
CA VAL A 241 14.98 -16.14 16.61
C VAL A 241 14.21 -17.44 16.80
N MET A 242 13.40 -17.81 15.82
CA MET A 242 12.64 -19.08 15.92
C MET A 242 13.64 -20.25 15.91
N LYS A 243 14.67 -20.17 15.08
CA LYS A 243 15.69 -21.25 14.97
C LYS A 243 16.56 -21.24 16.24
N MET A 244 16.90 -20.05 16.74
CA MET A 244 17.66 -19.97 17.98
C MET A 244 16.85 -20.53 19.14
N ASN A 245 15.57 -20.18 19.23
CA ASN A 245 14.72 -20.67 20.31
C ASN A 245 14.62 -22.18 20.31
N ARG A 246 14.64 -22.81 19.14
CA ARG A 246 14.59 -24.29 19.07
C ARG A 246 15.93 -24.85 19.54
N ILE A 247 17.05 -24.36 19.02
CA ILE A 247 18.35 -24.91 19.36
C ILE A 247 18.67 -24.66 20.83
N HIS A 248 18.53 -23.41 21.28
CA HIS A 248 19.02 -23.00 22.59
C HIS A 248 17.96 -23.09 23.69
N LYS A 249 16.68 -23.25 23.34
CA LYS A 249 15.58 -23.15 24.30
C LYS A 249 15.59 -21.78 24.99
N LEU A 250 15.33 -20.74 24.19
CA LEU A 250 15.40 -19.36 24.65
C LEU A 250 14.38 -19.05 25.74
N GLU A 251 13.41 -19.94 26.00
CA GLU A 251 12.46 -19.70 27.08
C GLU A 251 13.14 -19.83 28.44
N GLN A 252 14.10 -20.75 28.55
CA GLN A 252 14.92 -20.90 29.76
C GLN A 252 16.27 -20.24 29.64
N THR A 253 16.82 -20.16 28.42
CA THR A 253 18.17 -19.69 28.20
C THR A 253 18.21 -18.17 28.05
N SER A 254 19.41 -17.62 28.22
CA SER A 254 19.66 -16.22 27.91
C SER A 254 20.22 -16.10 26.51
N PHE A 255 19.98 -14.93 25.88
CA PHE A 255 20.63 -14.66 24.60
C PHE A 255 22.14 -14.63 24.75
N ASP A 256 22.63 -14.02 25.82
CA ASP A 256 24.08 -13.96 26.05
C ASP A 256 24.68 -15.35 26.22
N GLU A 257 23.91 -16.31 26.77
CA GLU A 257 24.39 -17.68 26.84
C GLU A 257 24.56 -18.29 25.46
N ALA A 258 23.68 -17.92 24.51
CA ALA A 258 23.82 -18.43 23.15
C ALA A 258 24.99 -17.76 22.43
N LEU A 259 25.13 -16.44 22.59
CA LEU A 259 26.21 -15.71 21.96
C LEU A 259 27.57 -16.11 22.51
N ASN A 260 27.62 -16.71 23.69
CA ASN A 260 28.86 -17.25 24.23
C ASN A 260 29.08 -18.70 23.83
N LEU A 261 28.00 -19.47 23.65
CA LEU A 261 28.13 -20.84 23.17
C LEU A 261 28.73 -20.85 21.77
N ILE A 262 28.09 -20.16 20.84
CA ILE A 262 28.78 -19.81 19.60
C ILE A 262 29.79 -18.71 19.90
N GLY A 263 30.72 -18.51 18.98
CA GLY A 263 31.79 -17.55 19.22
C GLY A 263 31.36 -16.12 19.05
N LYS A 264 31.34 -15.36 20.16
CA LYS A 264 31.06 -13.93 20.06
C LYS A 264 32.07 -13.25 19.14
N ASP A 265 33.34 -13.67 19.21
CA ASP A 265 34.32 -13.18 18.25
C ASP A 265 34.13 -13.78 16.87
N ASN A 266 33.69 -15.04 16.80
CA ASN A 266 33.36 -15.63 15.51
C ASN A 266 32.26 -14.82 14.82
N VAL A 267 31.20 -14.47 15.56
CA VAL A 267 30.17 -13.58 15.03
C VAL A 267 30.79 -12.29 14.54
N SER A 268 31.74 -11.74 15.30
CA SER A 268 32.37 -10.49 14.94
C SER A 268 33.14 -10.60 13.62
N GLU A 269 33.98 -11.64 13.49
CA GLU A 269 34.76 -11.83 12.28
C GLU A 269 33.85 -12.00 11.07
N ALA A 270 32.82 -12.84 11.20
CA ALA A 270 31.85 -13.01 10.12
C ALA A 270 31.13 -11.70 9.82
N TYR A 271 30.80 -10.93 10.87
CA TYR A 271 30.13 -9.65 10.67
C TYR A 271 30.98 -8.71 9.82
N VAL A 272 32.27 -8.59 10.16
CA VAL A 272 33.11 -7.65 9.41
C VAL A 272 33.41 -8.19 8.02
N GLU A 273 33.38 -9.50 7.84
CA GLU A 273 33.52 -10.06 6.49
C GLU A 273 32.33 -9.68 5.62
N LEU A 274 31.12 -9.81 6.18
CA LEU A 274 29.90 -9.53 5.43
C LEU A 274 29.60 -8.03 5.34
N ALA A 275 30.13 -7.22 6.25
CA ALA A 275 29.84 -5.80 6.27
C ALA A 275 30.89 -4.95 5.58
N ARG A 276 32.06 -5.53 5.27
CA ARG A 276 33.21 -4.73 4.85
C ARG A 276 32.89 -3.84 3.66
N ASP A 277 32.27 -4.40 2.63
CA ASP A 277 32.10 -3.70 1.36
C ASP A 277 30.69 -3.18 1.13
N ILE A 278 29.91 -3.00 2.20
CA ILE A 278 28.60 -2.36 2.06
C ILE A 278 28.80 -0.89 1.78
N GLY A 279 27.96 -0.34 0.91
CA GLY A 279 28.10 1.05 0.53
C GLY A 279 29.30 1.35 -0.34
N SER A 280 30.02 0.33 -0.84
CA SER A 280 31.17 0.60 -1.69
C SER A 280 30.75 1.33 -2.96
N THR A 281 29.74 0.82 -3.64
CA THR A 281 29.06 1.55 -4.71
C THR A 281 27.57 1.53 -4.39
N SER A 282 26.99 2.71 -4.24
CA SER A 282 25.59 2.82 -3.87
C SER A 282 24.86 3.67 -4.90
N LYS A 283 23.77 3.14 -5.44
CA LYS A 283 23.01 3.92 -6.40
C LYS A 283 22.26 5.06 -5.73
N THR A 284 22.04 4.97 -4.41
CA THR A 284 21.42 6.09 -3.70
C THR A 284 22.42 7.23 -3.51
N LYS A 285 23.70 6.89 -3.27
CA LYS A 285 24.73 7.91 -3.19
C LYS A 285 25.22 8.35 -4.57
N ARG A 286 25.09 7.47 -5.56
CA ARG A 286 25.41 7.87 -6.93
C ARG A 286 24.36 8.83 -7.48
N ASN A 287 23.08 8.56 -7.19
CA ASN A 287 22.02 9.48 -7.61
C ASN A 287 22.07 10.78 -6.81
N ASP A 288 22.40 10.70 -5.52
CA ASP A 288 22.39 11.90 -4.69
C ASP A 288 23.52 12.86 -5.06
N GLU A 289 24.64 12.35 -5.56
CA GLU A 289 25.68 13.25 -6.03
C GLU A 289 25.31 13.88 -7.37
N ALA A 290 24.55 13.16 -8.20
CA ALA A 290 24.09 13.73 -9.46
C ALA A 290 23.13 14.89 -9.22
N ILE A 291 22.20 14.73 -8.27
CA ILE A 291 21.23 15.80 -7.99
C ILE A 291 21.95 17.04 -7.46
N LEU A 292 22.90 16.86 -6.56
CA LEU A 292 23.66 17.99 -6.05
C LEU A 292 24.50 18.63 -7.15
N LYS A 293 25.05 17.81 -8.06
CA LYS A 293 25.82 18.35 -9.17
C LYS A 293 24.93 18.93 -10.26
N PHE A 294 23.69 18.44 -10.37
CA PHE A 294 22.75 18.99 -11.35
C PHE A 294 22.21 20.34 -10.90
N ARG A 295 21.75 20.43 -9.65
CA ARG A 295 21.26 21.71 -9.13
C ARG A 295 22.37 22.75 -9.08
N GLU A 296 23.62 22.30 -8.94
CA GLU A 296 24.75 23.22 -9.00
C GLU A 296 24.91 23.80 -10.41
N LEU A 297 24.71 22.97 -11.43
CA LEU A 297 24.87 23.43 -12.80
C LEU A 297 23.65 24.23 -13.28
N ILE A 298 22.47 23.99 -12.71
CA ILE A 298 21.33 24.86 -12.97
C ILE A 298 21.65 26.28 -12.55
N ALA A 299 22.21 26.44 -11.34
CA ALA A 299 22.56 27.76 -10.84
C ALA A 299 23.60 28.42 -11.73
N SER A 300 24.52 27.63 -12.29
CA SER A 300 25.51 28.17 -13.22
C SER A 300 24.86 28.67 -14.51
N PHE A 301 23.66 28.19 -14.83
CA PHE A 301 23.01 28.48 -16.10
C PHE A 301 21.97 29.59 -15.99
N LEU A 302 21.77 30.17 -14.81
CA LEU A 302 20.73 31.19 -14.66
C LEU A 302 21.04 32.48 -15.40
N PRO A 303 22.23 33.07 -15.31
CA PRO A 303 22.45 34.35 -16.01
C PRO A 303 22.36 34.23 -17.52
N ALA A 304 22.62 33.05 -18.08
CA ALA A 304 22.44 32.85 -19.51
C ALA A 304 20.99 32.61 -19.88
N LEU A 305 20.15 32.21 -18.91
CA LEU A 305 18.73 32.07 -19.17
C LEU A 305 18.03 33.44 -19.15
N GLU A 306 18.43 34.32 -18.23
CA GLU A 306 17.83 35.64 -18.19
C GLU A 306 18.36 36.53 -19.30
N ALA A 307 19.59 36.28 -19.77
CA ALA A 307 20.07 36.97 -20.96
C ALA A 307 19.23 36.60 -22.18
N ASP A 308 18.71 35.37 -22.21
CA ASP A 308 17.86 34.94 -23.31
C ASP A 308 16.46 35.54 -23.23
N ARG A 309 15.96 35.78 -22.02
CA ARG A 309 14.61 36.33 -21.86
C ARG A 309 14.57 37.84 -21.86
N ILE A 310 15.67 38.52 -21.52
CA ILE A 310 15.71 39.96 -21.72
C ILE A 310 15.90 40.27 -23.21
N ALA A 311 16.50 39.33 -23.96
CA ALA A 311 16.62 39.48 -25.40
C ALA A 311 15.29 39.24 -26.11
N SER A 312 14.43 38.42 -25.52
CA SER A 312 13.10 38.20 -26.09
C SER A 312 12.23 39.44 -26.00
N ALA A 313 12.50 40.30 -25.01
CA ALA A 313 11.75 41.53 -24.83
C ALA A 313 12.63 42.74 -25.14
N ASP C 53 -1.52 -14.09 -28.77
CA ASP C 53 -0.43 -14.24 -27.80
C ASP C 53 0.88 -14.60 -28.48
N LEU C 54 1.98 -14.17 -27.89
CA LEU C 54 3.35 -14.46 -28.34
C LEU C 54 3.64 -13.93 -29.75
N LYS C 55 2.79 -13.06 -30.29
CA LYS C 55 3.01 -12.42 -31.58
C LYS C 55 2.45 -11.01 -31.52
N PRO C 56 3.01 -10.08 -32.28
CA PRO C 56 2.69 -8.66 -32.08
C PRO C 56 1.45 -8.20 -32.83
N ILE C 57 1.02 -6.98 -32.48
CA ILE C 57 -0.05 -6.28 -33.17
C ILE C 57 0.58 -5.19 -34.04
N ASP C 58 0.23 -5.19 -35.32
CA ASP C 58 0.66 -4.12 -36.20
C ASP C 58 -0.14 -2.86 -35.89
N VAL C 59 0.56 -1.83 -35.44
CA VAL C 59 -0.12 -0.56 -35.11
C VAL C 59 -0.18 0.29 -36.37
N GLU C 60 -1.24 1.05 -36.54
CA GLU C 60 -1.37 1.96 -37.67
C GLU C 60 -0.70 3.29 -37.35
N VAL C 61 -0.21 3.95 -38.40
CA VAL C 61 0.53 5.19 -38.27
C VAL C 61 -0.45 6.35 -38.50
N GLN C 62 -0.91 6.95 -37.41
CA GLN C 62 -1.69 8.19 -37.47
C GLN C 62 -1.32 9.05 -36.28
N ALA C 63 -1.27 10.38 -36.47
CA ALA C 63 -0.77 11.27 -35.39
C ALA C 63 -1.85 11.78 -34.44
N PHE C 64 -1.46 12.76 -33.64
CA PHE C 64 -2.40 13.40 -32.68
C PHE C 64 -2.37 14.90 -32.93
N THR C 65 -3.31 15.45 -33.71
CA THR C 65 -3.43 16.92 -33.88
C THR C 65 -4.92 17.24 -33.68
N SER C 66 -5.29 18.15 -32.77
CA SER C 66 -6.74 18.33 -32.49
C SER C 66 -7.10 19.64 -31.78
N ALA C 67 -8.37 19.77 -31.36
CA ALA C 67 -8.84 21.02 -30.74
C ALA C 67 -9.18 20.82 -29.27
N SER C 68 -9.22 21.91 -28.49
CA SER C 68 -9.49 21.85 -27.04
C SER C 68 -10.81 21.15 -26.79
N GLN C 69 -11.76 21.23 -27.74
CA GLN C 69 -13.12 20.65 -27.57
C GLN C 69 -13.65 20.96 -26.17
N ASN C 70 -13.56 22.22 -25.74
CA ASN C 70 -14.12 22.62 -24.43
C ASN C 70 -15.60 22.88 -24.66
N ILE C 71 -16.40 21.82 -24.59
CA ILE C 71 -17.84 21.94 -24.93
C ILE C 71 -18.65 21.91 -23.64
N SER C 72 -18.01 21.56 -22.51
CA SER C 72 -18.75 21.39 -21.23
C SER C 72 -19.69 22.58 -21.02
N ASN C 73 -19.13 23.78 -20.85
CA ASN C 73 -19.97 24.97 -20.58
C ASN C 73 -20.97 24.57 -19.50
N PHE C 74 -20.49 23.90 -18.45
CA PHE C 74 -21.41 23.40 -17.42
C PHE C 74 -21.67 24.47 -16.38
N THR C 75 -22.94 24.78 -16.16
CA THR C 75 -23.29 25.66 -15.06
C THR C 75 -24.46 25.06 -14.32
N LEU C 76 -24.48 25.24 -12.99
CA LEU C 76 -25.59 24.75 -12.19
C LEU C 76 -26.85 25.57 -12.40
N HIS C 77 -26.72 26.79 -12.92
CA HIS C 77 -27.90 27.63 -13.15
C HIS C 77 -28.85 27.04 -14.19
N LYS C 78 -28.38 26.06 -14.98
CA LYS C 78 -29.28 25.38 -15.91
C LYS C 78 -30.24 24.45 -15.19
N TYR C 79 -29.96 24.08 -13.95
CA TYR C 79 -30.75 23.08 -13.24
C TYR C 79 -31.32 23.60 -11.92
N ARG C 80 -31.45 24.90 -11.79
CA ARG C 80 -31.88 25.46 -10.49
C ARG C 80 -33.29 25.01 -10.14
N ASN C 81 -34.26 25.35 -10.97
CA ASN C 81 -35.68 25.05 -10.69
C ASN C 81 -36.16 23.72 -11.31
N ILE C 82 -35.35 22.68 -11.38
CA ILE C 82 -35.77 21.43 -12.00
C ILE C 82 -35.86 20.29 -11.00
N CYS C 83 -35.70 20.57 -9.71
CA CYS C 83 -35.50 19.54 -8.71
C CYS C 83 -36.62 19.54 -7.68
N HIS C 84 -37.14 18.36 -7.37
CA HIS C 84 -37.99 18.16 -6.20
C HIS C 84 -37.07 17.86 -5.02
N VAL C 85 -37.21 18.65 -3.95
CA VAL C 85 -36.21 18.65 -2.89
C VAL C 85 -36.05 17.27 -2.27
N ASP C 86 -37.17 16.63 -1.92
CA ASP C 86 -37.09 15.36 -1.23
C ASP C 86 -36.67 14.22 -2.15
N THR C 87 -37.00 14.29 -3.43
CA THR C 87 -36.49 13.31 -4.39
C THR C 87 -34.97 13.40 -4.48
N CYS C 88 -34.44 14.62 -4.60
CA CYS C 88 -32.99 14.78 -4.72
C CYS C 88 -32.29 14.48 -3.40
N ALA C 89 -32.89 14.83 -2.28
CA ALA C 89 -32.27 14.50 -0.98
C ALA C 89 -32.15 12.99 -0.85
N ALA C 90 -33.12 12.24 -1.37
CA ALA C 90 -33.12 10.77 -1.21
C ALA C 90 -32.06 10.13 -2.10
N HIS C 91 -31.83 10.70 -3.27
CA HIS C 91 -30.78 10.15 -4.17
C HIS C 91 -29.41 10.43 -3.55
N LEU C 92 -29.27 11.57 -2.89
CA LEU C 92 -27.98 11.95 -2.26
C LEU C 92 -27.76 11.07 -1.03
N SER C 93 -28.85 10.62 -0.40
CA SER C 93 -28.76 9.77 0.81
C SER C 93 -28.21 8.41 0.43
N LYS C 94 -28.26 8.08 -0.86
CA LYS C 94 -27.75 6.78 -1.34
C LYS C 94 -26.62 7.02 -2.33
N SER C 95 -25.76 8.00 -2.06
CA SER C 95 -24.65 8.35 -2.99
C SER C 95 -23.68 7.19 -3.15
N LYS C 96 -23.20 6.63 -2.04
CA LYS C 96 -22.27 5.48 -2.08
C LYS C 96 -22.85 4.35 -2.91
N GLU C 97 -24.10 3.98 -2.63
CA GLU C 97 -24.74 2.85 -3.34
C GLU C 97 -24.89 3.17 -4.82
N ASN C 98 -25.17 4.42 -5.17
CA ASN C 98 -25.40 4.79 -6.59
C ASN C 98 -24.07 4.81 -7.34
N LYS C 99 -22.98 5.19 -6.69
CA LYS C 99 -21.65 5.13 -7.35
C LYS C 99 -21.31 3.66 -7.65
N GLU C 100 -21.61 2.76 -6.71
CA GLU C 100 -21.36 1.32 -6.93
C GLU C 100 -22.22 0.83 -8.09
N LYS C 101 -23.49 1.22 -8.12
CA LYS C 101 -24.35 0.83 -9.26
C LYS C 101 -23.79 1.45 -10.54
N LEU C 102 -23.18 2.63 -10.44
CA LEU C 102 -22.69 3.30 -11.64
C LEU C 102 -21.52 2.54 -12.27
N GLN C 103 -20.76 1.81 -11.45
CA GLN C 103 -19.62 1.06 -11.99
C GLN C 103 -20.07 0.00 -12.99
N ALA C 104 -21.29 -0.51 -12.84
CA ALA C 104 -21.78 -1.57 -13.71
C ALA C 104 -22.61 -1.07 -14.88
N ARG C 105 -23.33 0.03 -14.70
CA ARG C 105 -24.22 0.54 -15.74
C ARG C 105 -24.32 2.05 -15.62
N ASN C 106 -24.75 2.68 -16.70
CA ASN C 106 -25.19 4.07 -16.64
C ASN C 106 -26.55 4.15 -15.95
N LEU C 107 -26.77 5.24 -15.22
CA LEU C 107 -27.90 5.34 -14.31
C LEU C 107 -28.93 6.36 -14.80
N ARG C 108 -30.18 6.13 -14.42
CA ARG C 108 -31.29 7.04 -14.69
C ARG C 108 -31.85 7.50 -13.36
N LEU C 109 -31.69 8.79 -13.06
CA LEU C 109 -32.13 9.36 -11.78
C LEU C 109 -33.21 10.39 -12.06
N ILE C 110 -34.45 10.05 -11.68
CA ILE C 110 -35.56 11.00 -11.75
C ILE C 110 -35.41 11.99 -10.60
N VAL C 111 -35.35 13.28 -10.93
CA VAL C 111 -35.15 14.32 -9.94
C VAL C 111 -36.41 15.12 -9.64
N SER C 112 -37.43 15.03 -10.49
CA SER C 112 -38.70 15.71 -10.26
C SER C 112 -39.78 14.97 -11.03
N SER C 113 -40.99 15.51 -11.01
CA SER C 113 -42.08 14.92 -11.77
C SER C 113 -41.88 15.07 -13.27
N ASN C 114 -41.01 15.98 -13.71
CA ASN C 114 -40.88 16.31 -15.12
C ASN C 114 -39.44 16.25 -15.64
N GLU C 115 -38.49 15.81 -14.81
CA GLU C 115 -37.08 15.88 -15.19
C GLU C 115 -36.34 14.65 -14.66
N PHE C 116 -35.32 14.24 -15.41
CA PHE C 116 -34.46 13.13 -15.01
C PHE C 116 -33.03 13.43 -15.43
N LEU C 117 -32.10 12.69 -14.85
CA LEU C 117 -30.68 12.78 -15.20
C LEU C 117 -30.17 11.42 -15.63
N VAL C 118 -29.30 11.40 -16.62
CA VAL C 118 -28.59 10.20 -17.05
C VAL C 118 -27.16 10.32 -16.52
N VAL C 119 -26.82 9.49 -15.55
CA VAL C 119 -25.48 9.49 -14.97
C VAL C 119 -24.61 8.48 -15.72
N VAL C 120 -23.47 8.95 -16.20
CA VAL C 120 -22.53 8.15 -16.98
C VAL C 120 -21.15 8.30 -16.40
N LYS C 121 -20.45 7.18 -16.22
CA LYS C 121 -19.08 7.22 -15.71
C LYS C 121 -18.10 7.57 -16.81
N GLU C 122 -17.02 8.24 -16.44
CA GLU C 122 -15.99 8.71 -17.38
C GLU C 122 -16.60 9.56 -18.48
N LEU C 123 -17.58 10.38 -18.11
CA LEU C 123 -18.23 11.28 -19.06
C LEU C 123 -17.42 12.56 -19.13
N ASN C 124 -16.62 12.69 -20.19
CA ASN C 124 -15.80 13.89 -20.37
C ASN C 124 -16.67 15.06 -20.84
N ASP C 125 -17.22 14.96 -22.04
CA ASP C 125 -18.04 16.00 -22.64
C ASP C 125 -19.36 15.42 -23.08
N SER C 126 -20.45 16.15 -22.84
CA SER C 126 -21.77 15.75 -23.29
C SER C 126 -22.50 16.96 -23.84
N THR C 127 -23.10 16.80 -25.02
CA THR C 127 -23.88 17.89 -25.61
C THR C 127 -25.29 18.00 -25.03
N VAL C 128 -25.81 16.92 -24.47
CA VAL C 128 -27.18 16.91 -23.94
C VAL C 128 -27.16 17.32 -22.48
N ASP C 129 -28.13 18.16 -22.10
CA ASP C 129 -28.17 18.69 -20.74
C ASP C 129 -28.41 17.60 -19.69
N ASN C 130 -29.19 16.58 -20.04
CA ASN C 130 -29.57 15.57 -19.04
C ASN C 130 -28.44 14.60 -18.74
N VAL C 131 -27.52 14.41 -19.69
CA VAL C 131 -26.46 13.42 -19.55
C VAL C 131 -25.27 14.06 -18.85
N VAL C 132 -25.01 13.64 -17.61
CA VAL C 132 -23.97 14.25 -16.78
C VAL C 132 -23.16 13.16 -16.09
N SER C 133 -21.99 13.56 -15.59
CA SER C 133 -21.14 12.69 -14.80
C SER C 133 -21.70 12.56 -13.38
N PHE C 134 -21.08 11.68 -12.59
CA PHE C 134 -21.57 11.44 -11.24
C PHE C 134 -21.40 12.67 -10.35
N ASN C 135 -20.21 13.28 -10.40
CA ASN C 135 -19.98 14.48 -9.59
C ASN C 135 -20.91 15.61 -10.02
N LYS C 136 -21.17 15.75 -11.32
CA LYS C 136 -22.11 16.76 -11.77
C LYS C 136 -23.53 16.43 -11.33
N ALA C 137 -23.89 15.15 -11.28
CA ALA C 137 -25.24 14.77 -10.88
C ALA C 137 -25.52 15.12 -9.42
N CYS C 138 -24.59 14.75 -8.52
CA CYS C 138 -24.79 15.06 -7.11
C CYS C 138 -24.79 16.57 -6.89
N ALA C 139 -23.93 17.29 -7.60
CA ALA C 139 -23.90 18.75 -7.47
C ALA C 139 -25.22 19.37 -7.94
N ILE C 140 -25.76 18.88 -9.06
CA ILE C 140 -27.02 19.39 -9.57
C ILE C 140 -28.13 19.23 -8.53
N MET C 141 -28.27 18.01 -7.99
CA MET C 141 -29.35 17.77 -7.04
C MET C 141 -29.05 18.34 -5.66
N SER C 142 -27.79 18.50 -5.29
CA SER C 142 -27.47 19.17 -4.01
C SER C 142 -27.91 20.61 -4.08
N ALA C 143 -27.71 21.25 -5.23
CA ALA C 143 -28.06 22.67 -5.40
C ALA C 143 -29.57 22.86 -5.28
N GLY C 144 -30.34 21.86 -5.68
CA GLY C 144 -31.80 21.92 -5.54
C GLY C 144 -32.23 21.99 -4.11
N VAL C 145 -31.62 21.22 -3.23
CA VAL C 145 -31.91 21.33 -1.77
C VAL C 145 -31.33 22.63 -1.21
N LEU C 146 -30.12 23.00 -1.61
CA LEU C 146 -29.43 24.17 -1.02
C LEU C 146 -30.11 25.50 -1.36
N LYS C 147 -30.86 25.56 -2.44
CA LYS C 147 -31.59 26.79 -2.80
C LYS C 147 -32.58 27.09 -1.70
N HIS C 148 -33.02 26.05 -1.00
CA HIS C 148 -34.06 26.23 0.03
C HIS C 148 -33.45 26.28 1.43
N THR C 149 -32.18 25.92 1.56
CA THR C 149 -31.51 25.87 2.89
C THR C 149 -30.60 27.07 3.05
N PHE C 150 -29.94 27.46 1.98
CA PHE C 150 -29.03 28.62 2.01
C PHE C 150 -29.84 29.78 1.46
N ASP C 151 -29.62 30.97 2.01
CA ASP C 151 -30.39 32.13 1.64
C ASP C 151 -29.69 33.03 0.62
N GLU C 152 -28.39 32.87 0.43
CA GLU C 152 -27.65 33.72 -0.49
C GLU C 152 -26.72 32.87 -1.35
N GLU C 153 -26.48 33.36 -2.57
CA GLU C 153 -25.58 32.75 -3.53
C GLU C 153 -24.69 33.82 -4.12
N PHE C 154 -23.61 33.40 -4.78
CA PHE C 154 -22.66 34.36 -5.34
C PHE C 154 -23.06 34.75 -6.76
N ASP C 155 -22.93 36.03 -7.06
CA ASP C 155 -23.07 36.57 -8.40
C ASP C 155 -21.70 37.11 -8.80
N TRP C 156 -21.03 36.40 -9.71
CA TRP C 156 -19.67 36.75 -10.07
C TRP C 156 -19.59 38.04 -10.88
N LYS C 157 -20.70 38.49 -11.46
CA LYS C 157 -20.69 39.75 -12.19
C LYS C 157 -20.69 40.93 -11.24
N LEU C 158 -21.50 40.86 -10.16
CA LEU C 158 -21.51 41.90 -9.15
C LEU C 158 -20.45 41.68 -8.08
N SER C 159 -19.76 40.53 -8.09
CA SER C 159 -18.65 40.26 -7.19
C SER C 159 -19.09 40.29 -5.72
N LYS C 160 -20.24 39.69 -5.44
CA LYS C 160 -20.74 39.64 -4.06
C LYS C 160 -21.84 38.59 -3.97
N TYR C 161 -22.19 38.26 -2.74
CA TYR C 161 -23.32 37.37 -2.49
C TYR C 161 -24.62 38.16 -2.64
N VAL C 162 -25.57 37.58 -3.38
CA VAL C 162 -26.91 38.15 -3.53
C VAL C 162 -27.90 37.15 -2.95
N LYS C 163 -29.14 37.62 -2.76
CA LYS C 163 -30.17 36.79 -2.17
C LYS C 163 -30.71 35.78 -3.17
N THR C 164 -30.97 34.57 -2.69
CA THR C 164 -31.49 33.50 -3.57
C THR C 164 -33.00 33.71 -3.67
N ASN C 165 -33.55 33.57 -4.87
CA ASN C 165 -34.99 33.85 -5.07
C ASN C 165 -35.81 32.62 -4.72
N ASN C 166 -35.72 32.16 -3.48
CA ASN C 166 -36.60 31.06 -3.02
C ASN C 166 -38.01 31.59 -2.78
N THR C 167 -38.88 31.50 -3.78
CA THR C 167 -40.29 31.85 -3.57
C THR C 167 -40.99 30.80 -2.72
N THR C 168 -40.69 29.52 -2.95
CA THR C 168 -41.30 28.44 -2.19
C THR C 168 -40.46 28.15 -0.95
N LYS C 169 -41.08 28.21 0.22
CA LYS C 169 -40.40 27.96 1.49
C LYS C 169 -40.51 26.46 1.79
N VAL C 170 -39.63 25.69 1.17
CA VAL C 170 -39.60 24.24 1.29
C VAL C 170 -38.39 23.84 2.10
N ILE C 171 -38.58 22.93 3.05
CA ILE C 171 -37.46 22.40 3.83
C ILE C 171 -37.21 20.96 3.38
N PRO C 172 -35.96 20.52 3.35
CA PRO C 172 -35.70 19.09 3.08
C PRO C 172 -36.17 18.24 4.26
N ASP C 173 -36.61 17.02 3.93
CA ASP C 173 -37.15 16.14 4.95
C ASP C 173 -36.12 15.84 6.01
N VAL C 174 -36.54 15.93 7.28
CA VAL C 174 -35.61 15.84 8.40
C VAL C 174 -35.11 14.41 8.58
N LYS C 175 -35.93 13.41 8.27
CA LYS C 175 -35.55 12.03 8.51
C LYS C 175 -34.53 11.53 7.49
N ILE C 176 -34.49 12.11 6.29
CA ILE C 176 -33.47 11.74 5.32
C ILE C 176 -32.11 12.12 5.89
N ILE C 177 -31.23 11.14 6.02
CA ILE C 177 -29.96 11.31 6.72
C ILE C 177 -28.81 11.25 5.72
N ASN C 178 -27.91 12.23 5.80
CA ASN C 178 -26.69 12.27 5.00
C ASN C 178 -25.56 11.70 5.85
N ARG C 179 -25.14 10.48 5.55
CA ARG C 179 -24.09 9.81 6.33
C ARG C 179 -22.79 10.62 6.25
N LEU C 180 -22.48 11.17 5.08
CA LEU C 180 -21.27 11.96 4.94
C LEU C 180 -21.30 13.17 5.88
N ALA C 181 -22.47 13.80 6.02
CA ALA C 181 -22.59 14.90 6.98
C ALA C 181 -22.63 14.38 8.41
N GLY C 182 -23.11 13.15 8.62
CA GLY C 182 -23.11 12.58 9.95
C GLY C 182 -21.72 12.35 10.49
N GLN C 183 -20.79 11.94 9.62
CA GLN C 183 -19.40 11.78 10.02
C GLN C 183 -18.78 13.09 10.48
N MET C 184 -19.41 14.23 10.17
CA MET C 184 -18.92 15.54 10.54
C MET C 184 -19.56 16.10 11.80
N GLY C 185 -20.50 15.39 12.40
CA GLY C 185 -21.23 15.90 13.55
C GLY C 185 -22.32 16.89 13.22
N LEU C 186 -22.59 17.13 11.94
CA LEU C 186 -23.73 17.94 11.54
C LEU C 186 -25.00 17.10 11.66
N SER C 187 -26.01 17.66 12.32
CA SER C 187 -27.28 16.98 12.45
C SER C 187 -28.23 17.42 11.33
N ALA C 188 -29.21 16.57 11.05
CA ALA C 188 -30.20 16.88 10.04
C ALA C 188 -30.90 18.20 10.37
N GLY C 189 -31.26 18.95 9.33
CA GLY C 189 -31.80 20.27 9.48
C GLY C 189 -30.79 21.39 9.40
N ASN C 190 -29.51 21.08 9.58
CA ASN C 190 -28.47 22.07 9.34
C ASN C 190 -28.53 22.53 7.89
N PRO C 191 -28.42 23.83 7.62
CA PRO C 191 -28.46 24.30 6.23
C PRO C 191 -27.33 23.75 5.37
N TYR C 192 -26.23 23.31 5.97
CA TYR C 192 -25.11 22.75 5.23
C TYR C 192 -25.21 21.24 5.00
N TYR C 193 -26.19 20.60 5.62
CA TYR C 193 -26.26 19.12 5.60
C TYR C 193 -26.11 18.53 4.21
N TRP C 194 -26.70 19.17 3.20
CA TRP C 194 -26.71 18.53 1.86
C TRP C 194 -25.62 19.05 0.93
N MET C 195 -24.71 19.86 1.43
CA MET C 195 -23.55 20.29 0.62
C MET C 195 -22.48 19.21 0.83
N ILE C 196 -22.63 18.42 1.89
CA ILE C 196 -21.64 17.37 2.23
C ILE C 196 -21.98 16.19 1.36
N VAL C 197 -21.58 16.26 0.10
CA VAL C 197 -21.97 15.23 -0.87
C VAL C 197 -20.81 15.01 -1.82
N PRO C 198 -20.77 13.89 -2.56
CA PRO C 198 -19.76 13.74 -3.56
C PRO C 198 -19.94 14.81 -4.65
N GLY C 199 -18.85 15.34 -5.19
CA GLY C 199 -18.90 16.36 -6.25
C GLY C 199 -19.25 17.71 -5.70
N TYR C 200 -19.02 17.92 -4.41
CA TYR C 200 -19.43 19.19 -3.81
C TYR C 200 -18.70 20.37 -4.42
N GLU C 201 -17.52 20.14 -4.99
CA GLU C 201 -16.68 21.24 -5.47
C GLU C 201 -17.36 22.03 -6.58
N PHE C 202 -18.28 21.39 -7.32
CA PHE C 202 -18.99 22.10 -8.38
C PHE C 202 -19.86 23.23 -7.82
N LEU C 203 -20.28 23.12 -6.56
CA LEU C 203 -21.09 24.15 -5.94
C LEU C 203 -20.32 25.43 -5.64
N TYR C 204 -19.00 25.43 -5.88
CA TYR C 204 -18.21 26.65 -5.72
C TYR C 204 -18.77 27.77 -6.59
N GLU C 205 -19.43 27.42 -7.69
CA GLU C 205 -20.06 28.41 -8.56
C GLU C 205 -21.14 29.20 -7.83
N LEU C 206 -21.85 28.56 -6.91
CA LEU C 206 -22.96 29.18 -6.18
C LEU C 206 -22.61 29.56 -4.77
N TYR C 207 -21.94 28.66 -4.05
CA TYR C 207 -21.60 28.91 -2.63
C TYR C 207 -20.07 28.84 -2.50
N PRO C 208 -19.28 29.82 -3.01
CA PRO C 208 -17.81 29.68 -3.02
C PRO C 208 -17.19 29.61 -1.65
N ALA C 209 -17.59 30.47 -0.72
CA ALA C 209 -16.99 30.46 0.61
C ALA C 209 -17.33 29.17 1.36
N GLU C 210 -18.55 28.67 1.20
CA GLU C 210 -18.95 27.48 1.93
C GLU C 210 -18.31 26.22 1.35
N VAL C 211 -18.07 26.19 0.04
CA VAL C 211 -17.40 25.03 -0.56
C VAL C 211 -15.92 25.04 -0.21
N LEU C 212 -15.30 26.21 -0.21
CA LEU C 212 -13.91 26.30 0.24
C LEU C 212 -13.78 25.91 1.70
N ALA C 213 -14.71 26.37 2.54
CA ALA C 213 -14.65 26.06 3.96
C ALA C 213 -14.74 24.56 4.20
N TYR C 214 -15.63 23.87 3.49
CA TYR C 214 -15.73 22.42 3.62
C TYR C 214 -14.44 21.73 3.17
N THR C 215 -13.76 22.30 2.17
CA THR C 215 -12.49 21.73 1.75
C THR C 215 -11.43 21.92 2.81
N LEU C 216 -11.40 23.10 3.45
CA LEU C 216 -10.50 23.31 4.59
C LEU C 216 -10.79 22.32 5.70
N VAL C 217 -12.07 22.11 6.01
CA VAL C 217 -12.45 21.14 7.03
C VAL C 217 -11.95 19.75 6.66
N ARG C 218 -12.05 19.39 5.38
CA ARG C 218 -11.50 18.11 4.93
C ARG C 218 -9.99 18.07 5.04
N LEU C 219 -9.32 19.22 5.09
CA LEU C 219 -7.86 19.25 5.21
C LEU C 219 -7.43 19.08 6.66
N GLN C 220 -7.98 19.90 7.55
CA GLN C 220 -7.55 19.86 8.95
C GLN C 220 -8.04 18.61 9.65
N TYR C 221 -9.31 18.25 9.44
CA TYR C 221 -9.93 17.13 10.14
C TYR C 221 -10.00 15.87 9.28
N ARG C 222 -8.98 15.63 8.46
CA ARG C 222 -9.01 14.48 7.56
C ARG C 222 -9.03 13.17 8.33
N LYS C 223 -8.49 13.13 9.54
CA LYS C 223 -8.49 11.87 10.29
C LYS C 223 -9.87 11.57 10.86
N ASN C 224 -10.55 12.58 11.39
CA ASN C 224 -11.90 12.36 11.92
C ASN C 224 -12.87 11.95 10.82
N LEU C 225 -12.58 12.35 9.59
CA LEU C 225 -13.41 12.03 8.43
C LEU C 225 -13.00 10.73 7.76
N ASN C 226 -12.06 9.99 8.35
CA ASN C 226 -11.64 8.67 7.86
C ASN C 226 -11.06 8.74 6.46
N ILE C 227 -10.51 9.89 6.08
CA ILE C 227 -9.83 10.01 4.79
C ILE C 227 -8.52 9.22 4.85
N PRO C 228 -8.23 8.39 3.85
CA PRO C 228 -7.02 7.55 3.93
C PRO C 228 -5.75 8.38 4.01
N ASP C 229 -4.81 7.92 4.85
CA ASP C 229 -3.51 8.55 4.94
C ASP C 229 -2.73 8.46 3.65
N SER C 230 -3.10 7.53 2.76
CA SER C 230 -2.37 7.29 1.52
C SER C 230 -2.71 8.28 0.42
N MET C 231 -3.55 9.28 0.67
CA MET C 231 -3.94 10.23 -0.35
C MET C 231 -3.37 11.61 -0.01
N THR C 232 -2.81 12.26 -1.03
CA THR C 232 -2.13 13.54 -0.86
C THR C 232 -3.07 14.60 -0.27
N ASP C 233 -2.48 15.53 0.48
CA ASP C 233 -3.20 16.76 0.82
C ASP C 233 -3.65 17.48 -0.44
N ALA C 234 -2.76 17.56 -1.44
CA ALA C 234 -3.10 18.21 -2.70
C ALA C 234 -4.20 17.45 -3.44
N ASP C 235 -4.26 16.13 -3.26
CA ASP C 235 -5.31 15.35 -3.93
C ASP C 235 -6.69 15.68 -3.39
N ILE C 236 -6.79 16.09 -2.13
CA ILE C 236 -8.10 16.38 -1.57
C ILE C 236 -8.63 17.72 -2.08
N VAL C 237 -7.75 18.67 -2.36
CA VAL C 237 -8.16 19.99 -2.85
C VAL C 237 -8.00 20.12 -4.36
N SER C 238 -7.51 19.08 -5.03
CA SER C 238 -7.15 19.20 -6.44
C SER C 238 -8.33 19.65 -7.30
N SER C 239 -9.50 19.05 -7.10
CA SER C 239 -10.63 19.37 -7.97
C SER C 239 -11.22 20.74 -7.65
N LEU C 240 -11.25 21.12 -6.37
CA LEU C 240 -11.69 22.47 -6.03
C LEU C 240 -10.79 23.52 -6.69
N VAL C 241 -9.49 23.25 -6.75
CA VAL C 241 -8.58 24.20 -7.37
C VAL C 241 -8.81 24.28 -8.87
N MET C 242 -9.25 23.18 -9.49
CA MET C 242 -9.67 23.24 -10.89
C MET C 242 -10.85 24.18 -11.06
N LYS C 243 -11.85 24.06 -10.18
CA LYS C 243 -12.97 24.99 -10.17
C LYS C 243 -12.48 26.42 -9.97
N MET C 244 -11.64 26.63 -8.95
CA MET C 244 -11.13 27.96 -8.68
C MET C 244 -10.26 28.47 -9.83
N ASN C 245 -9.56 27.56 -10.51
CA ASN C 245 -8.76 27.97 -11.66
C ASN C 245 -9.65 28.42 -12.81
N ARG C 246 -10.85 27.86 -12.93
CA ARG C 246 -11.77 28.29 -14.00
C ARG C 246 -12.41 29.63 -13.67
N ILE C 247 -13.07 29.74 -12.53
CA ILE C 247 -13.81 30.98 -12.18
C ILE C 247 -12.87 32.15 -11.90
N HIS C 248 -11.76 31.91 -11.21
CA HIS C 248 -10.85 33.01 -10.84
C HIS C 248 -9.69 33.16 -11.83
N LYS C 249 -9.56 32.27 -12.80
CA LYS C 249 -8.45 32.32 -13.78
C LYS C 249 -7.13 32.46 -13.01
N LEU C 250 -6.79 31.47 -12.19
CA LEU C 250 -5.64 31.56 -11.28
C LEU C 250 -4.30 31.71 -12.00
N GLU C 251 -4.27 31.45 -13.30
CA GLU C 251 -3.02 31.68 -14.08
C GLU C 251 -2.63 33.16 -13.98
N GLN C 252 -3.62 34.06 -14.00
CA GLN C 252 -3.34 35.52 -13.99
C GLN C 252 -3.97 36.19 -12.77
N THR C 253 -4.25 35.44 -11.72
CA THR C 253 -4.85 35.96 -10.50
C THR C 253 -4.32 35.17 -9.32
N SER C 254 -4.30 35.80 -8.15
CA SER C 254 -3.74 35.19 -6.96
C SER C 254 -4.82 34.48 -6.14
N PHE C 255 -4.35 33.59 -5.25
CA PHE C 255 -5.25 33.01 -4.26
C PHE C 255 -5.73 34.05 -3.26
N ASP C 256 -4.90 35.07 -2.98
CA ASP C 256 -5.32 36.14 -2.09
C ASP C 256 -6.38 37.03 -2.75
N GLU C 257 -6.22 37.30 -4.05
CA GLU C 257 -7.24 38.03 -4.78
C GLU C 257 -8.57 37.28 -4.76
N ALA C 258 -8.52 35.96 -4.98
CA ALA C 258 -9.74 35.17 -4.96
C ALA C 258 -10.35 35.14 -3.56
N LEU C 259 -9.51 35.09 -2.53
CA LEU C 259 -10.01 35.06 -1.16
C LEU C 259 -10.61 36.40 -0.73
N ASN C 260 -10.31 37.49 -1.46
CA ASN C 260 -10.95 38.76 -1.21
C ASN C 260 -12.17 38.99 -2.09
N LEU C 261 -12.27 38.29 -3.23
CA LEU C 261 -13.47 38.37 -4.06
C LEU C 261 -14.66 37.76 -3.33
N ILE C 262 -14.52 36.50 -2.91
CA ILE C 262 -15.42 35.92 -1.92
C ILE C 262 -14.96 36.43 -0.57
N GLY C 263 -15.77 36.26 0.46
CA GLY C 263 -15.42 36.85 1.75
C GLY C 263 -14.55 35.97 2.63
N LYS C 264 -13.36 36.46 3.00
CA LYS C 264 -12.57 35.77 4.01
C LYS C 264 -13.35 35.65 5.31
N ASP C 265 -14.07 36.72 5.68
CA ASP C 265 -15.00 36.64 6.80
C ASP C 265 -16.08 35.61 6.55
N ASN C 266 -16.47 35.41 5.30
CA ASN C 266 -17.51 34.44 4.97
C ASN C 266 -16.97 33.02 4.98
N VAL C 267 -15.73 32.81 4.53
CA VAL C 267 -15.11 31.49 4.63
C VAL C 267 -14.94 31.08 6.08
N SER C 268 -14.53 32.03 6.93
CA SER C 268 -14.38 31.76 8.35
C SER C 268 -15.72 31.43 9.00
N GLU C 269 -16.77 32.18 8.66
CA GLU C 269 -18.10 31.90 9.18
C GLU C 269 -18.52 30.47 8.88
N ALA C 270 -18.33 30.05 7.64
CA ALA C 270 -18.70 28.68 7.26
C ALA C 270 -17.76 27.66 7.89
N TYR C 271 -16.51 28.05 8.16
CA TYR C 271 -15.55 27.11 8.75
C TYR C 271 -15.96 26.73 10.16
N VAL C 272 -16.31 27.71 10.99
CA VAL C 272 -16.71 27.40 12.36
C VAL C 272 -18.05 26.68 12.36
N GLU C 273 -18.89 26.91 11.35
CA GLU C 273 -20.14 26.17 11.25
C GLU C 273 -19.91 24.70 10.93
N LEU C 274 -18.98 24.43 10.01
CA LEU C 274 -18.73 23.06 9.57
C LEU C 274 -17.79 22.31 10.50
N ALA C 275 -16.99 23.01 11.30
CA ALA C 275 -16.02 22.37 12.18
C ALA C 275 -16.38 22.46 13.66
N ARG C 276 -17.58 22.98 13.98
CA ARG C 276 -17.95 23.15 15.38
C ARG C 276 -18.01 21.82 16.12
N ASP C 277 -18.63 20.81 15.49
CA ASP C 277 -18.89 19.53 16.14
C ASP C 277 -18.14 18.37 15.50
N ILE C 278 -17.02 18.65 14.83
CA ILE C 278 -16.27 17.59 14.15
C ILE C 278 -15.71 16.60 15.16
N GLY C 279 -15.03 17.10 16.19
CA GLY C 279 -14.51 16.29 17.27
C GLY C 279 -15.44 16.13 18.46
N SER C 280 -16.67 16.65 18.38
CA SER C 280 -17.63 16.59 19.49
C SER C 280 -17.70 15.21 20.10
N THR C 281 -17.94 14.19 19.25
CA THR C 281 -18.02 12.80 19.64
C THR C 281 -17.24 11.96 18.63
N SER C 282 -16.24 11.23 19.11
CA SER C 282 -15.36 10.48 18.24
C SER C 282 -15.23 9.06 18.75
N LYS C 283 -14.95 8.16 17.81
CA LYS C 283 -14.44 6.83 18.16
C LYS C 283 -13.04 6.92 18.76
N THR C 284 -12.19 7.76 18.17
CA THR C 284 -10.85 8.00 18.70
C THR C 284 -10.90 8.55 20.12
N LYS C 285 -11.92 9.34 20.45
CA LYS C 285 -12.09 9.81 21.83
C LYS C 285 -12.65 8.71 22.72
N ARG C 286 -13.67 8.00 22.24
CA ARG C 286 -14.27 6.93 23.04
C ARG C 286 -13.28 5.79 23.26
N ASN C 287 -12.63 5.33 22.19
CA ASN C 287 -11.67 4.24 22.32
C ASN C 287 -10.50 4.64 23.21
N ASP C 288 -10.15 5.93 23.25
CA ASP C 288 -9.05 6.37 24.11
C ASP C 288 -9.47 6.35 25.57
N GLU C 289 -10.64 6.92 25.88
CA GLU C 289 -11.13 6.90 27.26
C GLU C 289 -11.31 5.47 27.76
N ALA C 290 -11.70 4.56 26.86
CA ALA C 290 -11.81 3.15 27.23
C ALA C 290 -10.47 2.61 27.70
N ILE C 291 -9.39 2.92 26.96
CA ILE C 291 -8.07 2.38 27.25
C ILE C 291 -7.67 2.67 28.69
N LEU C 292 -7.77 3.95 29.10
CA LEU C 292 -7.27 4.31 30.41
C LEU C 292 -8.18 3.78 31.52
N LYS C 293 -9.49 3.76 31.30
CA LYS C 293 -10.38 3.10 32.24
C LYS C 293 -10.11 1.60 32.27
N PHE C 294 -9.82 1.01 31.11
CA PHE C 294 -9.44 -0.40 31.07
C PHE C 294 -8.10 -0.62 31.77
N ARG C 295 -7.22 0.39 31.76
CA ARG C 295 -5.90 0.21 32.37
C ARG C 295 -5.94 0.44 33.87
N GLU C 296 -6.88 1.26 34.37
CA GLU C 296 -7.07 1.32 35.81
C GLU C 296 -7.80 0.10 36.33
N LEU C 297 -8.68 -0.49 35.50
CA LEU C 297 -9.25 -1.79 35.83
C LEU C 297 -8.15 -2.83 36.00
N ILE C 298 -7.18 -2.84 35.09
CA ILE C 298 -6.10 -3.81 35.14
C ILE C 298 -5.26 -3.61 36.40
N ALA C 299 -4.86 -2.37 36.67
CA ALA C 299 -4.04 -2.08 37.83
C ALA C 299 -4.74 -2.48 39.13
N SER C 300 -6.06 -2.39 39.17
CA SER C 300 -6.79 -2.84 40.34
C SER C 300 -6.96 -4.35 40.39
N PHE C 301 -6.82 -5.03 39.25
CA PHE C 301 -6.92 -6.48 39.19
C PHE C 301 -5.60 -7.18 39.45
N LEU C 302 -4.48 -6.47 39.41
CA LEU C 302 -3.19 -7.12 39.65
C LEU C 302 -3.05 -7.68 41.05
N PRO C 303 -3.52 -7.02 42.12
CA PRO C 303 -3.57 -7.71 43.43
C PRO C 303 -4.43 -8.96 43.42
N ALA C 304 -5.30 -9.12 42.40
CA ALA C 304 -6.17 -10.29 42.34
C ALA C 304 -5.44 -11.50 41.77
N LEU C 305 -4.82 -11.33 40.60
CA LEU C 305 -4.02 -12.42 40.03
C LEU C 305 -2.94 -12.87 40.99
N GLU C 306 -2.33 -11.92 41.70
CA GLU C 306 -1.27 -12.26 42.63
C GLU C 306 -1.79 -13.07 43.80
N ALA C 307 -2.94 -12.69 44.36
CA ALA C 307 -3.51 -13.43 45.48
C ALA C 307 -3.91 -14.84 45.07
N ASP C 308 -4.53 -14.97 43.89
CA ASP C 308 -4.89 -16.30 43.40
C ASP C 308 -3.66 -17.16 43.15
N ARG C 309 -2.51 -16.53 42.91
CA ARG C 309 -1.29 -17.28 42.64
C ARG C 309 -0.74 -17.91 43.91
N ILE C 310 -0.58 -17.12 44.97
CA ILE C 310 0.15 -17.57 46.15
C ILE C 310 -0.76 -17.94 47.32
N ALA C 311 -2.07 -17.80 47.17
CA ALA C 311 -3.01 -18.12 48.24
C ALA C 311 -4.04 -19.12 47.75
N SER C 312 -4.37 -20.09 48.61
CA SER C 312 -5.35 -21.10 48.28
C SER C 312 -6.77 -20.72 48.72
N ALA C 313 -6.90 -20.00 49.82
CA ALA C 313 -8.22 -19.59 50.29
C ALA C 313 -8.83 -18.55 49.36
N HIS C 314 -10.16 -18.42 49.44
CA HIS C 314 -10.84 -17.37 48.70
C HIS C 314 -10.46 -16.01 49.27
N VAL C 315 -10.18 -15.07 48.38
CA VAL C 315 -9.57 -13.81 48.78
C VAL C 315 -10.47 -12.62 48.48
N SER D 52 -31.60 3.25 -26.93
CA SER D 52 -30.90 4.11 -25.98
C SER D 52 -29.45 3.69 -25.84
N ASP D 53 -28.57 4.43 -26.52
CA ASP D 53 -27.15 4.06 -26.61
C ASP D 53 -26.52 3.94 -25.23
N LEU D 54 -26.83 4.86 -24.34
CA LEU D 54 -26.30 4.80 -22.98
C LEU D 54 -27.05 3.81 -22.09
N LYS D 55 -28.01 3.05 -22.64
CA LYS D 55 -28.75 1.98 -21.97
C LYS D 55 -28.89 2.16 -20.45
N PRO D 56 -29.50 3.26 -20.00
CA PRO D 56 -29.50 3.57 -18.57
C PRO D 56 -30.49 2.73 -17.79
N ILE D 57 -30.13 2.47 -16.53
CA ILE D 57 -30.97 1.71 -15.61
C ILE D 57 -31.62 2.67 -14.63
N ASP D 58 -32.92 2.50 -14.41
CA ASP D 58 -33.64 3.29 -13.43
C ASP D 58 -33.20 2.93 -12.02
N VAL D 59 -33.24 3.92 -11.13
CA VAL D 59 -32.94 3.71 -9.72
C VAL D 59 -34.10 4.25 -8.90
N GLU D 60 -34.66 3.39 -8.05
CA GLU D 60 -35.81 3.78 -7.25
C GLU D 60 -35.42 4.83 -6.21
N VAL D 61 -36.37 5.68 -5.86
CA VAL D 61 -36.14 6.78 -4.93
C VAL D 61 -36.42 6.24 -3.53
N GLN D 62 -35.37 5.65 -2.94
CA GLN D 62 -35.47 5.15 -1.56
C GLN D 62 -34.50 5.96 -0.71
N ALA D 63 -35.01 6.68 0.28
CA ALA D 63 -34.20 7.57 1.11
C ALA D 63 -33.53 6.78 2.24
N PHE D 64 -32.30 7.18 2.55
CA PHE D 64 -31.58 6.56 3.68
C PHE D 64 -32.04 7.23 4.96
N THR D 65 -32.80 6.51 5.76
CA THR D 65 -33.25 6.96 7.07
C THR D 65 -32.87 5.89 8.07
N SER D 66 -32.91 6.25 9.37
CA SER D 66 -32.55 5.27 10.38
C SER D 66 -33.59 4.15 10.48
N ALA D 67 -34.83 4.41 10.04
CA ALA D 67 -35.80 3.32 9.90
C ALA D 67 -35.37 2.29 8.87
N SER D 68 -34.52 2.68 7.93
CA SER D 68 -34.03 1.66 6.97
C SER D 68 -32.77 0.98 7.52
N GLN D 69 -31.95 1.73 8.25
CA GLN D 69 -30.69 1.18 8.83
C GLN D 69 -30.97 0.17 9.95
N ASN D 70 -31.99 0.42 10.77
CA ASN D 70 -32.23 -0.46 11.95
C ASN D 70 -33.34 -1.48 11.67
N ILE D 71 -33.57 -1.84 10.42
CA ILE D 71 -34.73 -2.75 10.13
C ILE D 71 -34.53 -4.10 10.84
N SER D 72 -33.35 -4.69 10.74
CA SER D 72 -33.09 -5.96 11.48
C SER D 72 -31.71 -5.93 12.13
N ASN D 73 -31.57 -5.32 13.30
CA ASN D 73 -30.26 -5.36 14.00
C ASN D 73 -30.01 -6.81 14.43
N PHE D 74 -28.75 -7.22 14.49
CA PHE D 74 -28.39 -8.61 14.83
C PHE D 74 -28.46 -8.88 16.34
N THR D 75 -28.94 -10.05 16.72
CA THR D 75 -28.92 -10.46 18.12
C THR D 75 -28.78 -11.98 18.16
N LEU D 76 -27.94 -12.46 19.08
CA LEU D 76 -27.73 -13.91 19.20
C LEU D 76 -28.96 -14.67 19.68
N HIS D 77 -29.97 -13.99 20.24
CA HIS D 77 -31.16 -14.67 20.77
C HIS D 77 -31.97 -15.37 19.69
N LYS D 78 -31.75 -15.04 18.42
CA LYS D 78 -32.38 -15.78 17.33
C LYS D 78 -31.72 -17.13 17.09
N TYR D 79 -30.47 -17.31 17.54
CA TYR D 79 -29.66 -18.47 17.20
C TYR D 79 -29.32 -19.33 18.42
N ARG D 80 -30.16 -19.30 19.44
CA ARG D 80 -29.78 -20.02 20.67
C ARG D 80 -29.80 -21.54 20.50
N ASN D 81 -30.67 -22.08 19.64
CA ASN D 81 -30.81 -23.55 19.53
C ASN D 81 -30.40 -24.07 18.15
N ILE D 82 -29.64 -23.29 17.37
CA ILE D 82 -29.30 -23.68 15.98
C ILE D 82 -28.05 -24.56 15.90
N CYS D 83 -27.24 -24.65 16.95
CA CYS D 83 -25.92 -25.34 16.79
C CYS D 83 -25.66 -26.55 17.68
N HIS D 84 -24.96 -27.56 17.14
CA HIS D 84 -24.55 -28.77 17.92
C HIS D 84 -23.19 -28.45 18.54
N VAL D 85 -23.00 -28.78 19.82
CA VAL D 85 -21.76 -28.33 20.50
C VAL D 85 -20.52 -28.91 19.82
N ASP D 86 -20.51 -30.18 19.47
CA ASP D 86 -19.27 -30.78 18.95
C ASP D 86 -19.07 -30.47 17.46
N THR D 87 -20.11 -29.98 16.79
CA THR D 87 -19.96 -29.62 15.38
C THR D 87 -19.42 -28.20 15.22
N CYS D 88 -19.94 -27.24 15.99
CA CYS D 88 -19.45 -25.86 15.86
C CYS D 88 -18.04 -25.72 16.43
N ALA D 89 -17.73 -26.43 17.51
CA ALA D 89 -16.36 -26.42 18.03
C ALA D 89 -15.37 -26.93 17.00
N ALA D 90 -15.82 -27.84 16.12
CA ALA D 90 -14.96 -28.29 15.03
C ALA D 90 -14.74 -27.19 14.00
N HIS D 91 -15.70 -26.28 13.84
CA HIS D 91 -15.53 -25.15 12.94
C HIS D 91 -14.75 -24.03 13.60
N LEU D 92 -14.93 -23.82 14.91
CA LEU D 92 -14.14 -22.83 15.62
C LEU D 92 -12.70 -23.29 15.79
N SER D 93 -12.49 -24.60 15.90
CA SER D 93 -11.13 -25.15 15.94
C SER D 93 -10.35 -24.84 14.67
N LYS D 94 -11.05 -24.58 13.56
CA LYS D 94 -10.43 -24.31 12.27
C LYS D 94 -10.75 -22.90 11.79
N SER D 95 -10.89 -21.96 12.70
CA SER D 95 -11.28 -20.59 12.33
C SER D 95 -10.29 -19.94 11.38
N LYS D 96 -8.99 -20.07 11.64
CA LYS D 96 -7.96 -19.39 10.83
C LYS D 96 -8.02 -19.88 9.39
N GLU D 97 -8.22 -21.17 9.22
CA GLU D 97 -8.31 -21.76 7.87
C GLU D 97 -9.58 -21.26 7.22
N ASN D 98 -10.69 -21.26 7.95
CA ASN D 98 -11.96 -20.75 7.41
C ASN D 98 -11.75 -19.32 6.93
N LYS D 99 -11.11 -18.47 7.71
CA LYS D 99 -10.93 -17.06 7.32
C LYS D 99 -10.20 -16.95 6.00
N GLU D 100 -9.14 -17.71 5.78
CA GLU D 100 -8.44 -17.52 4.48
C GLU D 100 -9.23 -18.20 3.39
N LYS D 101 -9.83 -19.34 3.69
CA LYS D 101 -10.68 -19.98 2.67
C LYS D 101 -11.84 -19.04 2.36
N LEU D 102 -12.26 -18.21 3.31
CA LEU D 102 -13.33 -17.26 3.06
C LEU D 102 -12.88 -16.19 2.07
N GLN D 103 -11.61 -15.79 2.15
CA GLN D 103 -11.10 -14.75 1.25
C GLN D 103 -11.33 -15.10 -0.21
N ALA D 104 -11.01 -16.33 -0.59
CA ALA D 104 -11.13 -16.74 -1.99
C ALA D 104 -12.59 -16.81 -2.41
N ARG D 105 -13.39 -17.57 -1.66
CA ARG D 105 -14.81 -17.71 -1.93
C ARG D 105 -15.54 -17.77 -0.60
N ASN D 106 -16.81 -17.36 -0.59
CA ASN D 106 -17.54 -17.37 0.65
C ASN D 106 -18.07 -18.78 0.93
N LEU D 107 -18.45 -19.01 2.18
CA LEU D 107 -18.54 -20.35 2.74
C LEU D 107 -19.94 -20.66 3.25
N ARG D 108 -20.16 -21.96 3.49
CA ARG D 108 -21.40 -22.49 4.04
C ARG D 108 -21.06 -23.53 5.09
N LEU D 109 -21.65 -23.39 6.27
CA LEU D 109 -21.28 -24.19 7.44
C LEU D 109 -22.51 -24.82 8.05
N ILE D 110 -22.58 -26.15 8.02
CA ILE D 110 -23.60 -26.87 8.77
C ILE D 110 -23.25 -26.83 10.24
N VAL D 111 -24.20 -26.37 11.05
CA VAL D 111 -24.04 -26.30 12.50
C VAL D 111 -24.89 -27.35 13.23
N SER D 112 -25.92 -27.89 12.60
CA SER D 112 -26.71 -28.97 13.17
C SER D 112 -27.26 -29.82 12.04
N SER D 113 -28.23 -30.68 12.38
CA SER D 113 -28.72 -31.68 11.45
C SER D 113 -29.29 -31.04 10.18
N ASN D 114 -30.05 -29.95 10.33
CA ASN D 114 -30.58 -29.26 9.18
C ASN D 114 -30.22 -27.78 9.12
N GLU D 115 -29.92 -27.15 10.25
CA GLU D 115 -29.60 -25.73 10.24
C GLU D 115 -28.18 -25.48 9.78
N PHE D 116 -28.01 -24.38 9.04
CA PHE D 116 -26.76 -24.04 8.40
C PHE D 116 -26.50 -22.54 8.57
N LEU D 117 -25.29 -22.13 8.21
CA LEU D 117 -24.89 -20.73 8.21
C LEU D 117 -23.99 -20.48 7.01
N VAL D 118 -24.24 -19.37 6.32
CA VAL D 118 -23.42 -18.95 5.19
C VAL D 118 -22.59 -17.76 5.63
N VAL D 119 -21.27 -17.89 5.53
CA VAL D 119 -20.33 -16.84 5.90
C VAL D 119 -19.91 -16.10 4.64
N VAL D 120 -19.86 -14.78 4.73
CA VAL D 120 -19.59 -13.93 3.57
C VAL D 120 -18.74 -12.74 4.03
N LYS D 121 -17.74 -12.39 3.22
CA LYS D 121 -16.84 -11.30 3.58
C LYS D 121 -17.44 -9.95 3.21
N GLU D 122 -17.19 -8.95 4.07
CA GLU D 122 -17.65 -7.59 3.87
C GLU D 122 -19.17 -7.54 3.69
N LEU D 123 -19.87 -8.37 4.47
CA LEU D 123 -21.31 -8.50 4.29
C LEU D 123 -22.04 -7.22 4.68
N ASN D 124 -21.68 -6.65 5.84
CA ASN D 124 -22.41 -5.52 6.44
C ASN D 124 -23.83 -5.99 6.72
N ASP D 125 -24.85 -5.36 6.15
CA ASP D 125 -26.24 -5.73 6.41
C ASP D 125 -26.65 -6.95 5.58
N SER D 126 -27.78 -7.53 5.95
CA SER D 126 -28.38 -8.67 5.26
C SER D 126 -29.84 -8.78 5.71
N THR D 127 -30.68 -9.29 4.81
CA THR D 127 -32.11 -9.35 5.08
C THR D 127 -32.59 -10.68 5.64
N VAL D 128 -31.70 -11.66 5.84
CA VAL D 128 -32.07 -12.96 6.41
C VAL D 128 -31.02 -13.39 7.44
N ASP D 129 -31.42 -14.29 8.34
CA ASP D 129 -30.67 -14.48 9.56
C ASP D 129 -29.43 -15.35 9.36
N ASN D 130 -29.50 -16.37 8.49
CA ASN D 130 -28.39 -17.32 8.41
C ASN D 130 -27.32 -16.91 7.42
N VAL D 131 -27.45 -15.74 6.80
CA VAL D 131 -26.37 -15.16 5.98
C VAL D 131 -25.69 -14.09 6.82
N VAL D 132 -24.45 -14.34 7.21
CA VAL D 132 -23.80 -13.57 8.26
C VAL D 132 -22.30 -13.48 7.97
N SER D 133 -21.69 -12.43 8.53
CA SER D 133 -20.26 -12.15 8.43
C SER D 133 -19.45 -13.21 9.19
N PHE D 134 -18.12 -13.07 9.12
CA PHE D 134 -17.23 -14.04 9.77
C PHE D 134 -17.32 -13.93 11.29
N ASN D 135 -17.15 -12.71 11.80
CA ASN D 135 -17.15 -12.52 13.25
C ASN D 135 -18.48 -12.94 13.88
N LYS D 136 -19.61 -12.60 13.24
CA LYS D 136 -20.88 -12.96 13.87
C LYS D 136 -21.15 -14.47 13.74
N ALA D 137 -20.60 -15.11 12.70
CA ALA D 137 -20.75 -16.56 12.61
C ALA D 137 -19.96 -17.27 13.71
N CYS D 138 -18.73 -16.80 13.96
CA CYS D 138 -17.96 -17.36 15.07
C CYS D 138 -18.63 -17.08 16.40
N ALA D 139 -19.29 -15.93 16.52
CA ALA D 139 -19.99 -15.60 17.76
C ALA D 139 -21.18 -16.53 17.98
N ILE D 140 -21.93 -16.82 16.91
CA ILE D 140 -23.09 -17.71 17.03
C ILE D 140 -22.65 -19.10 17.45
N MET D 141 -21.65 -19.65 16.77
CA MET D 141 -21.15 -20.97 17.11
C MET D 141 -20.56 -20.99 18.51
N SER D 142 -19.92 -19.90 18.93
CA SER D 142 -19.29 -19.87 20.26
C SER D 142 -20.38 -19.97 21.30
N ALA D 143 -21.47 -19.26 21.08
CA ALA D 143 -22.57 -19.24 22.06
C ALA D 143 -23.26 -20.59 22.11
N GLY D 144 -23.01 -21.43 21.11
CA GLY D 144 -23.59 -22.79 21.08
C GLY D 144 -22.91 -23.70 22.07
N VAL D 145 -21.70 -23.33 22.48
CA VAL D 145 -20.91 -24.21 23.39
C VAL D 145 -20.97 -23.55 24.76
N LEU D 146 -21.03 -22.24 24.78
CA LEU D 146 -20.96 -21.53 26.09
C LEU D 146 -22.30 -21.64 26.81
N LYS D 147 -23.37 -21.97 26.09
CA LYS D 147 -24.69 -22.19 26.74
C LYS D 147 -24.52 -23.37 27.67
N HIS D 148 -23.64 -24.28 27.27
CA HIS D 148 -23.38 -25.50 28.08
C HIS D 148 -22.26 -25.22 29.09
N THR D 149 -21.20 -24.53 28.70
CA THR D 149 -20.03 -24.35 29.59
C THR D 149 -20.23 -23.23 30.60
N PHE D 150 -20.94 -22.17 30.24
CA PHE D 150 -21.19 -21.05 31.17
C PHE D 150 -22.54 -21.25 31.86
N ASP D 151 -22.60 -21.12 33.18
CA ASP D 151 -23.81 -21.41 33.94
C ASP D 151 -24.82 -20.28 33.93
N GLU D 152 -24.41 -19.07 33.58
CA GLU D 152 -25.30 -17.92 33.62
C GLU D 152 -25.12 -17.07 32.37
N GLU D 153 -26.16 -16.31 32.03
CA GLU D 153 -26.10 -15.32 30.98
C GLU D 153 -26.78 -14.04 31.48
N PHE D 154 -26.48 -12.93 30.80
CA PHE D 154 -26.96 -11.63 31.24
C PHE D 154 -28.31 -11.31 30.63
N ASP D 155 -29.18 -10.74 31.44
CA ASP D 155 -30.50 -10.26 31.01
C ASP D 155 -30.48 -8.74 31.12
N TRP D 156 -30.54 -8.06 29.98
CA TRP D 156 -30.49 -6.61 29.98
C TRP D 156 -31.83 -5.97 30.38
N LYS D 157 -32.94 -6.71 30.26
CA LYS D 157 -34.20 -6.20 30.79
C LYS D 157 -34.13 -6.04 32.30
N LEU D 158 -33.49 -6.97 32.98
CA LEU D 158 -33.46 -7.03 34.44
C LEU D 158 -32.15 -6.55 35.04
N SER D 159 -31.17 -6.17 34.21
CA SER D 159 -29.90 -5.60 34.69
C SER D 159 -29.15 -6.58 35.58
N LYS D 160 -29.07 -7.84 35.15
CA LYS D 160 -28.65 -8.91 36.04
C LYS D 160 -28.37 -10.16 35.24
N TYR D 161 -27.36 -10.92 35.69
CA TYR D 161 -27.11 -12.25 35.16
C TYR D 161 -28.19 -13.22 35.63
N VAL D 162 -28.60 -14.10 34.72
CA VAL D 162 -29.60 -15.11 35.02
C VAL D 162 -29.05 -16.47 34.61
N LYS D 163 -29.47 -17.50 35.34
CA LYS D 163 -29.06 -18.87 35.04
C LYS D 163 -29.58 -19.28 33.67
N THR D 164 -28.72 -19.92 32.89
CA THR D 164 -29.10 -20.32 31.52
C THR D 164 -29.98 -21.56 31.56
N ASN D 165 -31.06 -21.53 30.79
CA ASN D 165 -31.92 -22.73 30.68
C ASN D 165 -31.30 -23.55 29.56
N ASN D 166 -30.57 -24.61 29.88
CA ASN D 166 -29.87 -25.33 28.79
C ASN D 166 -30.25 -26.80 28.82
N THR D 167 -31.47 -27.14 29.26
CA THR D 167 -31.98 -28.52 29.21
C THR D 167 -30.94 -29.45 29.84
N THR D 168 -30.57 -30.55 29.21
CA THR D 168 -29.36 -31.26 29.56
C THR D 168 -28.16 -30.61 28.88
N LYS D 169 -27.05 -30.52 29.61
CA LYS D 169 -25.84 -29.86 29.06
C LYS D 169 -24.90 -30.93 28.54
N VAL D 170 -24.54 -30.83 27.28
CA VAL D 170 -23.63 -31.77 26.62
C VAL D 170 -22.22 -31.18 26.70
N ILE D 171 -21.36 -31.85 27.45
CA ILE D 171 -20.00 -31.36 27.70
C ILE D 171 -19.19 -31.44 26.41
N PRO D 172 -18.43 -30.41 26.04
CA PRO D 172 -17.73 -30.44 24.77
C PRO D 172 -16.57 -31.44 24.80
N ASP D 173 -16.37 -32.08 23.65
CA ASP D 173 -15.25 -33.01 23.48
C ASP D 173 -13.93 -32.29 23.74
N VAL D 174 -13.19 -32.77 24.74
CA VAL D 174 -11.87 -32.19 25.03
C VAL D 174 -10.81 -32.57 24.00
N LYS D 175 -11.14 -33.42 23.04
CA LYS D 175 -10.24 -33.71 21.94
C LYS D 175 -10.11 -32.51 21.01
N ILE D 176 -11.18 -31.73 20.87
CA ILE D 176 -11.16 -30.54 20.04
C ILE D 176 -10.33 -29.46 20.72
N ILE D 177 -9.32 -28.96 20.03
CA ILE D 177 -8.33 -28.03 20.59
C ILE D 177 -8.51 -26.67 19.94
N ASN D 178 -8.71 -25.65 20.77
CA ASN D 178 -8.73 -24.25 20.33
C ASN D 178 -7.32 -23.69 20.50
N ARG D 179 -6.65 -23.44 19.38
CA ARG D 179 -5.27 -22.97 19.44
C ARG D 179 -5.17 -21.55 19.98
N LEU D 180 -6.21 -20.73 19.77
CA LEU D 180 -6.20 -19.38 20.34
C LEU D 180 -6.16 -19.42 21.86
N ALA D 181 -6.95 -20.31 22.47
CA ALA D 181 -6.92 -20.45 23.93
C ALA D 181 -5.62 -21.08 24.40
N GLY D 182 -5.01 -21.93 23.57
CA GLY D 182 -3.73 -22.50 23.93
C GLY D 182 -2.62 -21.47 24.00
N GLN D 183 -2.72 -20.41 23.20
CA GLN D 183 -1.75 -19.33 23.28
C GLN D 183 -1.82 -18.60 24.62
N MET D 184 -2.99 -18.63 25.26
CA MET D 184 -3.19 -18.03 26.58
C MET D 184 -2.92 -19.02 27.71
N GLY D 185 -2.48 -20.24 27.38
CA GLY D 185 -2.25 -21.25 28.39
C GLY D 185 -3.46 -22.06 28.79
N LEU D 186 -4.63 -21.78 28.21
CA LEU D 186 -5.83 -22.53 28.55
C LEU D 186 -5.74 -23.96 28.02
N SER D 187 -6.42 -24.88 28.71
CA SER D 187 -6.49 -26.27 28.33
C SER D 187 -7.93 -26.66 28.02
N ALA D 188 -8.08 -27.76 27.31
CA ALA D 188 -9.41 -28.26 26.96
C ALA D 188 -10.19 -28.60 28.23
N GLY D 189 -11.49 -28.30 28.20
CA GLY D 189 -12.35 -28.47 29.35
C GLY D 189 -12.57 -27.21 30.15
N ASN D 190 -11.74 -26.20 29.95
CA ASN D 190 -11.98 -24.90 30.59
C ASN D 190 -13.29 -24.33 30.05
N PRO D 191 -14.16 -23.79 30.90
CA PRO D 191 -15.41 -23.21 30.38
C PRO D 191 -15.19 -22.07 29.40
N TYR D 192 -14.16 -21.26 29.62
CA TYR D 192 -13.84 -20.13 28.73
C TYR D 192 -13.19 -20.58 27.43
N TYR D 193 -12.96 -21.88 27.24
CA TYR D 193 -12.13 -22.36 26.14
C TYR D 193 -12.66 -21.90 24.79
N TRP D 194 -13.97 -22.03 24.57
CA TRP D 194 -14.56 -21.73 23.29
C TRP D 194 -15.12 -20.31 23.21
N MET D 195 -14.85 -19.49 24.21
CA MET D 195 -15.07 -18.05 24.10
C MET D 195 -13.92 -17.37 23.37
N ILE D 196 -12.76 -18.02 23.32
CA ILE D 196 -11.55 -17.45 22.72
C ILE D 196 -11.60 -17.66 21.21
N VAL D 197 -12.42 -16.87 20.52
CA VAL D 197 -12.64 -17.01 19.09
C VAL D 197 -12.63 -15.63 18.45
N PRO D 198 -12.44 -15.57 17.13
CA PRO D 198 -12.58 -14.28 16.43
C PRO D 198 -14.00 -13.75 16.55
N GLY D 199 -14.11 -12.43 16.63
CA GLY D 199 -15.40 -11.81 16.81
C GLY D 199 -16.09 -12.19 18.12
N TYR D 200 -15.30 -12.47 19.16
CA TYR D 200 -15.86 -12.75 20.47
C TYR D 200 -16.63 -11.57 21.04
N GLU D 201 -16.37 -10.36 20.55
CA GLU D 201 -16.99 -9.17 21.10
C GLU D 201 -18.51 -9.21 21.00
N PHE D 202 -19.05 -9.89 19.98
CA PHE D 202 -20.49 -10.03 19.84
C PHE D 202 -21.11 -10.78 21.01
N LEU D 203 -20.33 -11.60 21.72
CA LEU D 203 -20.82 -12.30 22.89
C LEU D 203 -20.99 -11.38 24.10
N TYR D 204 -20.65 -10.10 23.98
CA TYR D 204 -20.87 -9.16 25.07
C TYR D 204 -22.34 -9.10 25.48
N GLU D 205 -23.24 -9.39 24.53
CA GLU D 205 -24.67 -9.37 24.83
C GLU D 205 -25.05 -10.49 25.81
N LEU D 206 -24.47 -11.67 25.65
CA LEU D 206 -24.78 -12.77 26.55
C LEU D 206 -23.91 -12.75 27.80
N TYR D 207 -22.60 -12.69 27.58
CA TYR D 207 -21.62 -12.79 28.68
C TYR D 207 -20.79 -11.50 28.74
N PRO D 208 -21.32 -10.33 29.19
CA PRO D 208 -20.58 -9.06 29.12
C PRO D 208 -19.28 -9.03 29.92
N ALA D 209 -19.36 -9.32 31.23
CA ALA D 209 -18.17 -9.21 32.07
C ALA D 209 -17.05 -10.13 31.64
N GLU D 210 -17.39 -11.28 31.04
CA GLU D 210 -16.36 -12.19 30.57
C GLU D 210 -15.72 -11.70 29.28
N VAL D 211 -16.51 -11.08 28.40
CA VAL D 211 -15.98 -10.57 27.14
C VAL D 211 -15.08 -9.37 27.39
N LEU D 212 -15.43 -8.53 28.37
CA LEU D 212 -14.56 -7.41 28.72
C LEU D 212 -13.26 -7.88 29.35
N ALA D 213 -13.34 -8.90 30.22
CA ALA D 213 -12.13 -9.41 30.85
C ALA D 213 -11.16 -9.99 29.81
N TYR D 214 -11.70 -10.64 28.78
CA TYR D 214 -10.84 -11.12 27.70
C TYR D 214 -10.19 -9.96 26.96
N THR D 215 -10.93 -8.89 26.71
CA THR D 215 -10.35 -7.73 26.05
C THR D 215 -9.26 -7.09 26.93
N LEU D 216 -9.50 -7.01 28.24
CA LEU D 216 -8.45 -6.56 29.16
C LEU D 216 -7.23 -7.45 29.07
N VAL D 217 -7.45 -8.77 28.97
CA VAL D 217 -6.33 -9.71 28.87
C VAL D 217 -5.56 -9.50 27.58
N ARG D 218 -6.26 -9.16 26.50
CA ARG D 218 -5.58 -8.98 25.21
C ARG D 218 -4.80 -7.67 25.16
N LEU D 219 -5.28 -6.63 25.85
CA LEU D 219 -4.53 -5.39 25.89
C LEU D 219 -3.32 -5.51 26.82
N GLN D 220 -3.51 -6.11 28.00
CA GLN D 220 -2.41 -6.23 28.96
C GLN D 220 -1.33 -7.18 28.47
N TYR D 221 -1.73 -8.32 27.90
CA TYR D 221 -0.79 -9.34 27.45
C TYR D 221 -0.73 -9.40 25.93
N ARG D 222 -0.70 -8.23 25.28
CA ARG D 222 -0.67 -8.20 23.82
C ARG D 222 0.61 -8.81 23.26
N LYS D 223 1.75 -8.53 23.89
CA LYS D 223 3.00 -9.11 23.42
C LYS D 223 3.09 -10.58 23.76
N ASN D 224 2.46 -11.01 24.85
CA ASN D 224 2.40 -12.43 25.18
C ASN D 224 1.56 -13.20 24.17
N LEU D 225 0.53 -12.55 23.60
CA LEU D 225 -0.37 -13.18 22.65
C LEU D 225 0.00 -12.84 21.21
N ASN D 226 1.22 -12.34 20.98
CA ASN D 226 1.75 -12.05 19.65
C ASN D 226 0.85 -11.13 18.82
N ILE D 227 0.01 -10.32 19.48
CA ILE D 227 -0.75 -9.30 18.78
C ILE D 227 0.24 -8.32 18.16
N PRO D 228 0.28 -8.18 16.84
CA PRO D 228 1.35 -7.39 16.22
C PRO D 228 1.29 -5.94 16.66
N ASP D 229 2.48 -5.38 16.90
CA ASP D 229 2.60 -3.98 17.31
C ASP D 229 2.02 -3.02 16.28
N SER D 230 1.71 -3.51 15.07
CA SER D 230 0.98 -2.71 14.10
C SER D 230 -0.33 -2.18 14.68
N MET D 231 -1.08 -3.04 15.36
CA MET D 231 -2.35 -2.63 15.96
C MET D 231 -2.08 -1.86 17.24
N THR D 232 -2.60 -0.64 17.31
CA THR D 232 -2.48 0.14 18.53
C THR D 232 -3.43 -0.39 19.60
N ASP D 233 -3.25 0.11 20.83
CA ASP D 233 -4.11 -0.31 21.93
C ASP D 233 -5.58 -0.06 21.62
N ALA D 234 -5.88 1.08 21.00
CA ALA D 234 -7.26 1.39 20.65
C ALA D 234 -7.83 0.40 19.65
N ASP D 235 -6.98 -0.16 18.78
CA ASP D 235 -7.44 -1.14 17.81
C ASP D 235 -7.83 -2.45 18.48
N ILE D 236 -7.17 -2.80 19.59
CA ILE D 236 -7.49 -4.04 20.29
C ILE D 236 -8.87 -3.97 20.91
N VAL D 237 -9.31 -2.78 21.32
CA VAL D 237 -10.55 -2.61 22.08
C VAL D 237 -11.64 -1.96 21.25
N SER D 238 -11.37 -1.61 20.00
CA SER D 238 -12.32 -0.84 19.20
C SER D 238 -13.66 -1.56 19.06
N SER D 239 -13.63 -2.85 18.72
CA SER D 239 -14.88 -3.56 18.44
C SER D 239 -15.72 -3.72 19.70
N LEU D 240 -15.08 -4.03 20.84
CA LEU D 240 -15.83 -4.13 22.09
C LEU D 240 -16.49 -2.80 22.45
N VAL D 241 -15.76 -1.70 22.29
CA VAL D 241 -16.33 -0.38 22.57
C VAL D 241 -17.56 -0.13 21.70
N MET D 242 -17.54 -0.64 20.46
CA MET D 242 -18.72 -0.54 19.62
C MET D 242 -19.86 -1.40 20.16
N LYS D 243 -19.56 -2.60 20.63
CA LYS D 243 -20.59 -3.44 21.23
C LYS D 243 -21.16 -2.78 22.48
N MET D 244 -20.30 -2.17 23.29
CA MET D 244 -20.77 -1.49 24.50
C MET D 244 -21.57 -0.24 24.16
N ASN D 245 -21.19 0.46 23.09
CA ASN D 245 -21.89 1.67 22.69
C ASN D 245 -23.33 1.35 22.32
N ARG D 246 -23.52 0.28 21.59
CA ARG D 246 -24.88 -0.08 21.15
C ARG D 246 -25.72 -0.36 22.38
N ILE D 247 -25.28 -1.29 23.22
CA ILE D 247 -26.09 -1.72 24.39
C ILE D 247 -26.22 -0.65 25.48
N HIS D 248 -25.14 0.04 25.83
CA HIS D 248 -25.21 0.98 26.98
C HIS D 248 -25.44 2.43 26.54
N LYS D 249 -25.36 2.72 25.24
CA LYS D 249 -25.47 4.12 24.79
C LYS D 249 -24.50 4.98 25.59
N LEU D 250 -23.19 4.75 25.43
CA LEU D 250 -22.16 5.43 26.25
C LEU D 250 -22.16 6.92 25.95
N GLU D 251 -22.84 7.32 24.89
CA GLU D 251 -23.00 8.77 24.67
C GLU D 251 -23.77 9.33 25.88
N GLN D 252 -24.75 8.57 26.39
CA GLN D 252 -25.60 9.04 27.50
C GLN D 252 -25.37 8.20 28.77
N THR D 253 -24.21 7.57 28.91
CA THR D 253 -23.86 6.79 30.09
C THR D 253 -22.34 6.82 30.24
N SER D 254 -21.87 6.74 31.47
CA SER D 254 -20.44 6.74 31.74
C SER D 254 -19.88 5.31 31.64
N PHE D 255 -18.55 5.23 31.59
CA PHE D 255 -17.90 3.92 31.60
C PHE D 255 -18.09 3.23 32.94
N ASP D 256 -17.93 3.96 34.05
CA ASP D 256 -18.12 3.37 35.37
C ASP D 256 -19.54 2.86 35.56
N GLU D 257 -20.53 3.55 34.98
CA GLU D 257 -21.91 3.07 35.07
C GLU D 257 -22.07 1.71 34.40
N ALA D 258 -21.40 1.51 33.26
CA ALA D 258 -21.47 0.22 32.59
C ALA D 258 -20.83 -0.88 33.43
N LEU D 259 -19.63 -0.62 33.95
CA LEU D 259 -18.91 -1.61 34.73
C LEU D 259 -19.52 -1.83 36.11
N ASN D 260 -20.49 -1.00 36.52
CA ASN D 260 -21.25 -1.26 37.73
C ASN D 260 -22.55 -1.99 37.45
N LEU D 261 -23.14 -1.78 36.27
CA LEU D 261 -24.28 -2.58 35.83
C LEU D 261 -23.87 -4.04 35.70
N ILE D 262 -22.90 -4.32 34.83
CA ILE D 262 -22.25 -5.62 34.87
C ILE D 262 -21.36 -5.70 36.11
N GLY D 263 -21.00 -6.93 36.47
CA GLY D 263 -20.21 -7.12 37.67
C GLY D 263 -18.74 -6.84 37.49
N LYS D 264 -18.23 -5.80 38.14
CA LYS D 264 -16.78 -5.61 38.21
C LYS D 264 -16.13 -6.72 39.01
N ASP D 265 -16.82 -7.21 40.05
CA ASP D 265 -16.40 -8.45 40.69
C ASP D 265 -16.44 -9.62 39.71
N ASN D 266 -17.36 -9.57 38.74
CA ASN D 266 -17.40 -10.61 37.71
C ASN D 266 -16.26 -10.44 36.72
N VAL D 267 -15.96 -9.20 36.34
CA VAL D 267 -14.88 -8.96 35.37
C VAL D 267 -13.55 -9.44 35.91
N SER D 268 -13.21 -9.01 37.13
CA SER D 268 -11.91 -9.36 37.71
C SER D 268 -11.75 -10.86 37.85
N GLU D 269 -12.79 -11.54 38.32
CA GLU D 269 -12.68 -12.98 38.50
C GLU D 269 -12.69 -13.73 37.17
N ALA D 270 -13.14 -13.08 36.10
CA ALA D 270 -12.89 -13.62 34.77
C ALA D 270 -11.50 -13.26 34.27
N TYR D 271 -10.98 -12.09 34.68
CA TYR D 271 -9.63 -11.69 34.31
C TYR D 271 -8.60 -12.65 34.87
N VAL D 272 -8.73 -13.05 36.13
CA VAL D 272 -7.78 -13.97 36.73
C VAL D 272 -7.92 -15.37 36.14
N GLU D 273 -9.14 -15.77 35.76
CA GLU D 273 -9.33 -17.07 35.14
C GLU D 273 -8.68 -17.13 33.75
N LEU D 274 -8.60 -16.00 33.06
CA LEU D 274 -8.04 -15.96 31.71
C LEU D 274 -6.56 -15.62 31.67
N ALA D 275 -6.02 -15.02 32.73
CA ALA D 275 -4.62 -14.60 32.75
C ALA D 275 -3.77 -15.43 33.70
N ARG D 276 -4.35 -16.42 34.38
CA ARG D 276 -3.59 -17.21 35.36
C ARG D 276 -2.47 -17.99 34.69
N ASP D 277 -2.74 -18.56 33.51
CA ASP D 277 -1.78 -19.45 32.85
C ASP D 277 -1.16 -18.83 31.61
N ILE D 278 -1.26 -17.51 31.46
CA ILE D 278 -0.63 -16.84 30.33
C ILE D 278 0.88 -16.94 30.47
N GLY D 279 1.54 -17.40 29.41
CA GLY D 279 2.97 -17.61 29.47
C GLY D 279 3.73 -16.32 29.69
N SER D 280 4.88 -16.47 30.37
CA SER D 280 5.82 -15.39 30.60
C SER D 280 6.87 -15.30 29.50
N THR D 281 6.61 -15.92 28.35
CA THR D 281 7.45 -15.78 27.17
C THR D 281 6.56 -15.72 25.93
N SER D 282 7.13 -15.21 24.84
CA SER D 282 6.45 -15.20 23.55
C SER D 282 7.49 -14.95 22.47
N LYS D 283 7.11 -15.26 21.22
CA LYS D 283 8.01 -14.98 20.11
C LYS D 283 8.16 -13.47 19.90
N THR D 284 7.09 -12.73 20.16
CA THR D 284 7.17 -11.27 20.05
C THR D 284 8.05 -10.68 21.13
N LYS D 285 7.99 -11.27 22.33
CA LYS D 285 8.87 -10.81 23.41
C LYS D 285 10.29 -11.31 23.18
N ARG D 286 10.46 -12.48 22.56
CA ARG D 286 11.79 -12.95 22.23
C ARG D 286 12.38 -12.13 21.09
N ASN D 287 11.54 -11.69 20.14
CA ASN D 287 12.03 -10.83 19.07
C ASN D 287 12.45 -9.48 19.61
N ASP D 288 11.68 -8.91 20.53
CA ASP D 288 12.03 -7.63 21.14
C ASP D 288 13.37 -7.73 21.87
N GLU D 289 13.56 -8.80 22.64
CA GLU D 289 14.82 -8.98 23.36
C GLU D 289 15.98 -9.19 22.41
N ALA D 290 15.72 -9.75 21.23
CA ALA D 290 16.78 -10.01 20.26
C ALA D 290 17.23 -8.73 19.57
N ILE D 291 16.27 -7.85 19.21
CA ILE D 291 16.63 -6.58 18.58
C ILE D 291 17.56 -5.78 19.48
N LEU D 292 17.28 -5.77 20.79
CA LEU D 292 18.13 -5.04 21.73
C LEU D 292 19.52 -5.66 21.79
N LYS D 293 19.58 -6.98 21.91
CA LYS D 293 20.87 -7.66 22.00
C LYS D 293 21.64 -7.53 20.70
N PHE D 294 20.93 -7.55 19.56
CA PHE D 294 21.60 -7.50 18.27
C PHE D 294 22.20 -6.12 18.02
N ARG D 295 21.47 -5.05 18.36
CA ARG D 295 22.02 -3.71 18.20
C ARG D 295 23.19 -3.50 19.16
N GLU D 296 23.18 -4.19 20.29
CA GLU D 296 24.29 -4.10 21.24
C GLU D 296 25.54 -4.79 20.68
N LEU D 297 25.34 -5.89 19.95
CA LEU D 297 26.45 -6.55 19.28
C LEU D 297 26.94 -5.72 18.10
N ILE D 298 26.02 -5.15 17.32
CA ILE D 298 26.38 -4.30 16.20
C ILE D 298 27.24 -3.12 16.67
N ALA D 299 26.89 -2.57 17.84
CA ALA D 299 27.65 -1.43 18.37
C ALA D 299 29.06 -1.83 18.76
N SER D 300 29.20 -2.97 19.45
CA SER D 300 30.53 -3.42 19.86
C SER D 300 31.35 -3.98 18.70
N PHE D 301 30.74 -4.15 17.52
CA PHE D 301 31.47 -4.59 16.34
C PHE D 301 31.92 -3.44 15.45
N LEU D 302 31.39 -2.24 15.65
CA LEU D 302 31.70 -1.12 14.77
C LEU D 302 33.19 -0.75 14.74
N PRO D 303 33.92 -0.71 15.86
CA PRO D 303 35.36 -0.41 15.74
C PRO D 303 36.11 -1.34 14.81
N ALA D 304 36.01 -2.66 15.04
CA ALA D 304 36.68 -3.62 14.16
C ALA D 304 36.22 -3.45 12.71
N LEU D 305 34.95 -3.11 12.51
CA LEU D 305 34.44 -2.91 11.16
C LEU D 305 35.13 -1.74 10.48
N GLU D 306 35.07 -0.55 11.09
CA GLU D 306 35.69 0.62 10.48
C GLU D 306 37.21 0.48 10.40
N ALA D 307 37.83 -0.18 11.38
CA ALA D 307 39.27 -0.41 11.30
C ALA D 307 39.62 -1.30 10.13
N ASP D 308 38.74 -2.24 9.78
CA ASP D 308 39.02 -3.13 8.66
C ASP D 308 38.87 -2.42 7.32
N ARG D 309 37.88 -1.53 7.21
CA ARG D 309 37.62 -0.89 5.92
C ARG D 309 38.72 0.09 5.56
N ILE D 310 39.30 0.77 6.56
CA ILE D 310 40.42 1.67 6.26
C ILE D 310 41.63 0.86 5.85
N ALA D 311 41.77 -0.37 6.36
CA ALA D 311 42.87 -1.23 5.95
C ALA D 311 42.60 -1.91 4.61
N SER D 312 41.33 -2.12 4.27
CA SER D 312 40.96 -2.71 3.00
C SER D 312 41.10 -1.69 1.87
N ALA D 313 41.16 -2.21 0.64
CA ALA D 313 41.36 -1.39 -0.55
C ALA D 313 40.28 -0.32 -0.70
N LEU E 54 -0.99 -32.48 -5.56
CA LEU E 54 0.20 -33.36 -5.66
C LEU E 54 0.71 -33.31 -7.10
N LYS E 55 1.43 -32.23 -7.48
CA LYS E 55 1.83 -32.08 -8.91
C LYS E 55 3.00 -31.10 -9.06
N PRO E 56 4.17 -31.51 -9.62
CA PRO E 56 5.27 -30.58 -9.87
C PRO E 56 5.63 -30.20 -11.31
N ILE E 57 6.41 -29.13 -11.50
CA ILE E 57 6.92 -28.78 -12.86
C ILE E 57 8.44 -28.86 -12.79
N ASP E 58 9.08 -29.26 -13.89
CA ASP E 58 10.54 -29.46 -13.84
C ASP E 58 11.26 -28.13 -14.13
N VAL E 59 12.08 -27.68 -13.19
CA VAL E 59 12.86 -26.42 -13.40
C VAL E 59 14.23 -26.84 -13.94
N GLU E 60 14.63 -26.26 -15.07
CA GLU E 60 15.92 -26.66 -15.69
C GLU E 60 17.06 -25.87 -15.07
N VAL E 61 18.24 -26.48 -15.04
CA VAL E 61 19.43 -25.82 -14.46
C VAL E 61 20.00 -24.82 -15.47
N GLN E 62 19.82 -23.54 -15.21
CA GLN E 62 20.36 -22.48 -16.07
C GLN E 62 20.85 -21.35 -15.14
N ALA E 63 22.15 -21.28 -14.94
CA ALA E 63 22.72 -20.31 -14.00
C ALA E 63 22.68 -18.87 -14.50
N PHE E 64 22.64 -17.92 -13.58
CA PHE E 64 22.76 -16.51 -13.98
C PHE E 64 24.25 -16.23 -14.10
N THR E 65 24.69 -15.84 -15.30
CA THR E 65 26.12 -15.53 -15.53
C THR E 65 26.23 -14.09 -16.01
N SER E 66 27.44 -13.52 -15.93
CA SER E 66 27.67 -12.13 -16.41
C SER E 66 27.57 -12.15 -17.93
N ALA E 67 27.99 -13.25 -18.55
CA ALA E 67 27.92 -13.39 -20.01
C ALA E 67 26.52 -13.00 -20.49
N SER E 68 25.50 -13.62 -19.92
CA SER E 68 24.11 -13.33 -20.35
C SER E 68 23.33 -12.73 -19.17
N SER E 72 24.21 -8.93 -25.63
CA SER E 72 23.93 -7.92 -26.67
C SER E 72 24.08 -6.51 -26.09
N ASN E 73 25.16 -5.81 -26.42
CA ASN E 73 25.36 -4.41 -25.94
C ASN E 73 24.51 -3.47 -26.81
N PHE E 74 23.70 -2.61 -26.19
CA PHE E 74 22.79 -1.76 -26.98
C PHE E 74 23.52 -0.53 -27.50
N THR E 75 23.47 -0.32 -28.81
CA THR E 75 24.07 0.91 -29.39
C THR E 75 23.08 1.44 -30.43
N LEU E 76 22.74 2.72 -30.34
CA LEU E 76 21.80 3.32 -31.31
C LEU E 76 22.44 3.31 -32.69
N HIS E 77 23.77 3.19 -32.76
CA HIS E 77 24.43 3.21 -34.07
C HIS E 77 24.01 2.05 -34.96
N LYS E 78 23.38 1.02 -34.40
CA LYS E 78 22.84 -0.07 -35.21
C LYS E 78 21.54 0.30 -35.90
N TYR E 79 20.91 1.41 -35.52
CA TYR E 79 19.60 1.80 -36.01
C TYR E 79 19.62 3.22 -36.60
N ARG E 80 20.72 3.59 -37.21
CA ARG E 80 20.84 5.00 -37.65
C ARG E 80 20.09 5.26 -38.96
N ASN E 81 20.02 4.27 -39.85
CA ASN E 81 19.42 4.54 -41.19
C ASN E 81 18.25 3.59 -41.48
N ILE E 82 17.41 3.34 -40.50
CA ILE E 82 16.26 2.40 -40.69
C ILE E 82 14.96 3.16 -40.48
N CYS E 83 15.02 4.46 -40.21
CA CYS E 83 13.78 5.17 -39.83
C CYS E 83 13.33 6.23 -40.83
N HIS E 84 12.09 6.16 -41.31
CA HIS E 84 11.52 7.27 -42.12
C HIS E 84 11.17 8.32 -41.08
N VAL E 85 11.38 9.60 -41.33
CA VAL E 85 11.23 10.60 -40.23
C VAL E 85 9.77 10.91 -39.94
N ASP E 86 8.89 10.87 -40.93
CA ASP E 86 7.48 11.25 -40.62
C ASP E 86 6.69 10.04 -40.10
N THR E 87 7.19 8.82 -40.26
CA THR E 87 6.48 7.69 -39.69
C THR E 87 7.02 7.30 -38.32
N CYS E 88 8.32 7.49 -38.13
CA CYS E 88 8.91 7.20 -36.80
C CYS E 88 8.41 8.26 -35.83
N ALA E 89 8.07 9.43 -36.34
CA ALA E 89 7.62 10.51 -35.48
C ALA E 89 6.15 10.37 -35.10
N ALA E 90 5.34 9.79 -35.99
CA ALA E 90 3.93 9.59 -35.66
C ALA E 90 3.76 8.55 -34.57
N HIS E 91 4.65 7.59 -34.50
CA HIS E 91 4.57 6.58 -33.41
C HIS E 91 4.88 7.26 -32.08
N LEU E 92 5.79 8.24 -32.08
CA LEU E 92 6.13 8.94 -30.85
C LEU E 92 5.05 9.91 -30.40
N SER E 93 4.14 10.31 -31.29
CA SER E 93 3.06 11.21 -30.91
C SER E 93 1.98 10.49 -30.11
N LYS E 94 1.89 9.19 -30.36
CA LYS E 94 0.88 8.33 -29.68
C LYS E 94 1.66 7.37 -28.79
N SER E 95 2.63 7.90 -28.06
CA SER E 95 3.49 7.08 -27.18
C SER E 95 2.72 6.61 -25.95
N LYS E 96 1.93 7.47 -25.33
CA LYS E 96 1.11 7.02 -24.18
C LYS E 96 0.18 5.91 -24.63
N GLU E 97 -0.33 6.03 -25.85
CA GLU E 97 -1.29 5.03 -26.36
C GLU E 97 -0.54 3.74 -26.60
N ASN E 98 0.56 3.83 -27.30
CA ASN E 98 1.36 2.63 -27.60
C ASN E 98 1.77 1.97 -26.29
N LYS E 99 1.96 2.75 -25.22
CA LYS E 99 2.44 2.21 -23.93
C LYS E 99 1.39 1.27 -23.31
N GLU E 100 0.16 1.73 -23.13
CA GLU E 100 -0.81 0.85 -22.43
C GLU E 100 -1.08 -0.39 -23.27
N LYS E 101 -1.09 -0.25 -24.59
CA LYS E 101 -1.25 -1.43 -25.47
C LYS E 101 -0.15 -2.46 -25.18
N LEU E 102 1.03 -2.02 -24.72
CA LEU E 102 2.17 -2.96 -24.52
C LEU E 102 1.93 -3.87 -23.33
N GLN E 103 1.12 -3.47 -22.37
CA GLN E 103 0.77 -4.38 -21.27
C GLN E 103 -0.15 -5.49 -21.75
N ALA E 104 -1.07 -5.16 -22.66
CA ALA E 104 -1.97 -6.17 -23.22
C ALA E 104 -1.19 -7.19 -24.04
N ARG E 105 -0.56 -6.69 -25.11
CA ARG E 105 0.22 -7.57 -26.00
C ARG E 105 1.45 -6.82 -26.53
N ASN E 106 2.40 -7.57 -27.09
CA ASN E 106 3.63 -6.97 -27.66
C ASN E 106 3.24 -6.23 -28.93
N LEU E 107 4.00 -5.21 -29.31
CA LEU E 107 3.56 -4.37 -30.45
C LEU E 107 4.59 -4.38 -31.56
N ARG E 108 4.13 -4.40 -32.81
CA ARG E 108 5.06 -4.32 -33.98
C ARG E 108 4.88 -2.95 -34.63
N LEU E 109 5.97 -2.24 -34.79
CA LEU E 109 5.87 -0.87 -35.33
C LEU E 109 6.73 -0.79 -36.58
N ILE E 110 6.28 -0.03 -37.57
CA ILE E 110 7.02 0.07 -38.85
C ILE E 110 7.82 1.38 -38.83
N VAL E 111 9.11 1.29 -39.12
CA VAL E 111 9.97 2.50 -39.15
C VAL E 111 10.03 2.93 -40.60
N SER E 112 9.90 1.98 -41.51
CA SER E 112 9.83 2.25 -42.94
C SER E 112 9.43 0.94 -43.62
N SER E 113 9.12 1.05 -44.91
CA SER E 113 8.59 -0.10 -45.65
C SER E 113 9.49 -1.32 -45.57
N ASN E 114 10.79 -1.13 -45.39
CA ASN E 114 11.76 -2.22 -45.49
C ASN E 114 12.21 -2.75 -44.13
N GLU E 115 11.91 -2.06 -43.02
CA GLU E 115 12.41 -2.46 -41.71
C GLU E 115 11.32 -2.37 -40.67
N PHE E 116 11.34 -3.29 -39.72
CA PHE E 116 10.35 -3.39 -38.67
C PHE E 116 10.99 -3.17 -37.29
N LEU E 117 10.13 -2.96 -36.30
CA LEU E 117 10.55 -2.81 -34.91
C LEU E 117 9.47 -3.42 -34.04
N VAL E 118 9.80 -4.50 -33.33
CA VAL E 118 8.85 -5.17 -32.45
C VAL E 118 9.23 -4.83 -31.00
N VAL E 119 8.23 -4.40 -30.23
CA VAL E 119 8.44 -3.93 -28.86
C VAL E 119 7.74 -4.91 -27.93
N VAL E 120 8.41 -5.26 -26.82
CA VAL E 120 7.85 -6.20 -25.86
C VAL E 120 7.99 -5.64 -24.45
N LYS E 121 7.26 -6.26 -23.53
CA LYS E 121 6.86 -5.59 -22.30
C LYS E 121 7.96 -5.53 -21.25
N GLU E 122 8.82 -6.54 -21.15
CA GLU E 122 9.82 -6.56 -20.09
C GLU E 122 11.10 -7.23 -20.58
N LEU E 123 11.72 -6.66 -21.59
CA LEU E 123 12.94 -7.22 -22.17
C LEU E 123 14.14 -6.72 -21.38
N ASN E 124 14.77 -7.63 -20.63
CA ASN E 124 16.03 -7.35 -19.97
C ASN E 124 17.24 -7.66 -20.83
N ASP E 125 17.08 -8.55 -21.82
CA ASP E 125 18.12 -8.86 -22.78
C ASP E 125 17.44 -9.57 -23.95
N SER E 126 17.93 -9.32 -25.16
CA SER E 126 17.38 -9.91 -26.37
C SER E 126 18.50 -10.35 -27.30
N THR E 127 18.45 -11.62 -27.71
CA THR E 127 19.28 -12.07 -28.81
C THR E 127 18.97 -11.29 -30.08
N VAL E 128 17.69 -11.05 -30.34
CA VAL E 128 17.29 -10.34 -31.55
C VAL E 128 17.57 -8.86 -31.41
N ASP E 129 18.02 -8.23 -32.50
CA ASP E 129 18.34 -6.80 -32.48
C ASP E 129 17.20 -5.92 -32.97
N ASN E 130 16.01 -6.49 -33.21
CA ASN E 130 14.86 -5.67 -33.51
C ASN E 130 13.71 -5.82 -32.52
N VAL E 131 13.86 -6.69 -31.52
CA VAL E 131 12.96 -6.70 -30.38
C VAL E 131 13.63 -5.93 -29.25
N VAL E 132 12.97 -4.87 -28.79
CA VAL E 132 13.52 -3.97 -27.79
C VAL E 132 12.47 -3.72 -26.72
N SER E 133 12.87 -2.99 -25.69
CA SER E 133 11.92 -2.46 -24.73
C SER E 133 11.30 -1.17 -25.26
N PHE E 134 10.35 -0.62 -24.53
CA PHE E 134 9.66 0.61 -25.02
C PHE E 134 10.65 1.75 -25.09
N ASN E 135 11.35 1.98 -23.99
CA ASN E 135 12.22 3.14 -23.95
C ASN E 135 13.28 3.09 -25.04
N LYS E 136 13.71 1.89 -25.45
CA LYS E 136 14.68 1.79 -26.53
C LYS E 136 14.01 1.98 -27.89
N ALA E 137 12.78 1.48 -28.04
CA ALA E 137 12.04 1.69 -29.28
C ALA E 137 11.84 3.18 -29.55
N CYS E 138 11.35 3.92 -28.55
CA CYS E 138 11.19 5.35 -28.72
C CYS E 138 12.52 6.03 -29.01
N ALA E 139 13.58 5.64 -28.30
CA ALA E 139 14.88 6.27 -28.51
C ALA E 139 15.41 5.97 -29.92
N ILE E 140 15.19 4.76 -30.42
CA ILE E 140 15.67 4.37 -31.78
C ILE E 140 14.89 5.20 -32.82
N MET E 141 13.64 5.48 -32.53
CA MET E 141 12.78 6.20 -33.49
C MET E 141 13.04 7.70 -33.36
N SER E 142 13.14 8.20 -32.14
CA SER E 142 13.46 9.63 -31.95
C SER E 142 14.79 9.94 -32.61
N ALA E 143 15.74 9.05 -32.48
CA ALA E 143 17.07 9.27 -33.08
C ALA E 143 16.95 9.43 -34.58
N GLY E 144 16.03 8.68 -35.17
CA GLY E 144 15.79 8.79 -36.62
C GLY E 144 15.38 10.19 -36.97
N VAL E 145 14.64 10.87 -36.10
CA VAL E 145 14.20 12.21 -36.54
C VAL E 145 15.26 13.24 -36.15
N LEU E 146 15.99 13.02 -35.05
CA LEU E 146 16.95 14.04 -34.58
C LEU E 146 18.23 14.05 -35.42
N LYS E 147 18.39 13.09 -36.32
CA LYS E 147 19.56 13.08 -37.22
C LYS E 147 19.32 14.14 -38.29
N HIS E 148 18.07 14.57 -38.41
CA HIS E 148 17.72 15.58 -39.44
C HIS E 148 17.48 16.95 -38.78
N THR E 149 17.27 17.00 -37.47
CA THR E 149 17.04 18.26 -36.76
C THR E 149 18.26 18.73 -35.98
N PHE E 150 18.99 17.82 -35.33
CA PHE E 150 20.24 18.15 -34.68
C PHE E 150 21.37 18.05 -35.69
N ASP E 151 22.26 19.04 -35.67
CA ASP E 151 23.35 19.13 -36.64
C ASP E 151 24.65 18.55 -36.11
N GLU E 152 24.65 17.95 -34.93
CA GLU E 152 25.88 17.42 -34.36
C GLU E 152 25.56 16.23 -33.46
N GLU E 153 26.40 15.20 -33.55
CA GLU E 153 26.32 14.04 -32.67
C GLU E 153 27.67 13.84 -32.00
N PHE E 154 27.66 13.06 -30.92
CA PHE E 154 28.85 12.89 -30.10
C PHE E 154 29.63 11.64 -30.51
N ASP E 155 30.95 11.77 -30.54
CA ASP E 155 31.86 10.65 -30.82
C ASP E 155 32.69 10.44 -29.56
N TRP E 156 32.47 9.30 -28.89
CA TRP E 156 33.16 9.04 -27.63
C TRP E 156 34.60 8.59 -27.82
N LYS E 157 34.92 8.10 -29.02
CA LYS E 157 36.32 7.69 -29.30
C LYS E 157 37.15 8.97 -29.41
N LEU E 158 36.63 9.97 -30.13
CA LEU E 158 37.37 11.24 -30.34
C LEU E 158 37.10 12.18 -29.16
N SER E 159 36.22 11.77 -28.24
CA SER E 159 35.91 12.55 -27.01
C SER E 159 35.29 13.92 -27.30
N LYS E 160 34.56 14.07 -28.42
CA LYS E 160 33.80 15.33 -28.65
C LYS E 160 32.82 15.23 -29.82
N TYR E 161 32.06 16.30 -30.05
CA TYR E 161 30.98 16.31 -31.07
C TYR E 161 31.47 16.33 -32.51
N VAL E 162 30.74 15.67 -33.40
CA VAL E 162 31.08 15.61 -34.85
C VAL E 162 29.76 15.74 -35.61
N LYS E 163 29.80 16.09 -36.91
CA LYS E 163 28.54 16.33 -37.65
C LYS E 163 27.73 15.04 -37.75
N THR E 164 26.42 15.12 -37.87
CA THR E 164 25.54 13.94 -37.83
C THR E 164 25.58 13.09 -39.09
N ASN E 165 26.36 13.44 -40.11
CA ASN E 165 26.64 12.56 -41.25
C ASN E 165 25.40 12.26 -42.10
N ASN E 166 24.45 13.19 -42.17
CA ASN E 166 23.23 12.98 -42.94
C ASN E 166 23.31 13.81 -44.22
N THR E 167 23.53 13.14 -45.35
CA THR E 167 23.75 13.83 -46.62
C THR E 167 22.48 14.56 -47.07
N THR E 168 21.36 13.87 -47.05
CA THR E 168 20.07 14.42 -47.47
C THR E 168 19.18 14.55 -46.25
N LYS E 169 18.77 15.77 -45.95
CA LYS E 169 18.01 16.06 -44.74
C LYS E 169 16.52 16.14 -45.05
N VAL E 170 15.73 15.94 -44.00
CA VAL E 170 14.28 16.04 -44.05
C VAL E 170 13.85 16.99 -42.94
N ILE E 171 12.71 17.62 -43.14
CA ILE E 171 12.06 18.46 -42.13
C ILE E 171 10.78 17.75 -41.69
N PRO E 172 10.64 17.42 -40.40
CA PRO E 172 9.42 16.73 -39.95
C PRO E 172 8.19 17.59 -40.17
N ASP E 173 7.11 16.95 -40.62
CA ASP E 173 5.82 17.61 -40.73
C ASP E 173 5.45 18.21 -39.38
N VAL E 174 4.87 19.41 -39.42
CA VAL E 174 4.76 20.26 -38.24
C VAL E 174 3.40 20.06 -37.57
N LYS E 175 2.64 19.09 -38.08
CA LYS E 175 1.28 18.81 -37.52
C LYS E 175 1.39 17.64 -36.54
N ILE E 176 2.39 16.78 -36.70
CA ILE E 176 2.61 15.69 -35.71
C ILE E 176 2.86 16.37 -34.37
N ILE E 177 1.99 16.13 -33.38
CA ILE E 177 2.11 16.89 -32.10
C ILE E 177 2.71 16.04 -30.99
N ASN E 178 3.71 16.57 -30.27
CA ASN E 178 4.30 15.90 -29.11
C ASN E 178 3.74 16.59 -27.87
N ARG E 179 2.70 16.00 -27.28
CA ARG E 179 2.04 16.62 -26.13
C ARG E 179 2.99 16.77 -24.95
N LEU E 180 4.00 15.90 -24.84
CA LEU E 180 5.00 16.05 -23.79
C LEU E 180 5.81 17.32 -23.99
N ALA E 181 6.22 17.60 -25.23
CA ALA E 181 6.88 18.86 -25.53
C ALA E 181 5.90 20.03 -25.45
N GLY E 182 4.59 19.76 -25.53
CA GLY E 182 3.60 20.81 -25.35
C GLY E 182 3.28 21.13 -23.91
N GLN E 183 3.53 20.20 -22.98
CA GLN E 183 3.43 20.53 -21.56
C GLN E 183 4.47 21.57 -21.18
N MET E 184 5.68 21.44 -21.73
CA MET E 184 6.63 22.52 -21.74
C MET E 184 6.28 23.48 -22.88
N GLY E 185 7.02 24.57 -23.00
CA GLY E 185 6.67 25.57 -23.98
C GLY E 185 7.16 25.30 -25.39
N LEU E 186 7.52 24.06 -25.69
CA LEU E 186 8.02 23.72 -27.02
C LEU E 186 6.88 23.60 -28.02
N SER E 187 6.98 24.35 -29.11
CA SER E 187 6.04 24.25 -30.21
C SER E 187 6.69 23.45 -31.35
N ALA E 188 5.84 22.82 -32.16
CA ALA E 188 6.32 21.96 -33.24
C ALA E 188 7.19 22.74 -34.20
N GLY E 189 8.28 22.11 -34.65
CA GLY E 189 9.30 22.74 -35.44
C GLY E 189 10.62 22.93 -34.71
N ASN E 190 10.58 22.97 -33.39
CA ASN E 190 11.80 23.05 -32.59
C ASN E 190 12.66 21.81 -32.86
N PRO E 191 13.97 21.95 -33.06
CA PRO E 191 14.82 20.76 -33.24
C PRO E 191 14.81 19.83 -32.04
N TYR E 192 14.42 20.31 -30.87
CA TYR E 192 14.31 19.48 -29.67
C TYR E 192 12.94 18.83 -29.51
N TYR E 193 12.01 19.10 -30.42
CA TYR E 193 10.61 18.65 -30.25
C TYR E 193 10.52 17.13 -30.08
N TRP E 194 11.30 16.37 -30.85
CA TRP E 194 11.13 14.91 -30.80
C TRP E 194 12.10 14.22 -29.85
N MET E 195 12.89 14.97 -29.10
CA MET E 195 13.75 14.36 -28.05
C MET E 195 12.89 14.20 -26.80
N ILE E 196 11.80 14.96 -26.72
CA ILE E 196 10.96 14.92 -25.50
C ILE E 196 10.05 13.72 -25.66
N VAL E 197 10.63 12.54 -25.47
CA VAL E 197 9.88 11.28 -25.67
C VAL E 197 10.16 10.39 -24.47
N PRO E 198 9.32 9.39 -24.18
CA PRO E 198 9.65 8.46 -23.13
C PRO E 198 10.92 7.71 -23.55
N GLY E 199 11.86 7.53 -22.63
CA GLY E 199 13.09 6.78 -22.95
C GLY E 199 14.18 7.64 -23.51
N TYR E 200 14.09 8.95 -23.30
CA TYR E 200 15.08 9.86 -23.88
C TYR E 200 16.49 9.61 -23.34
N GLU E 201 16.60 9.03 -22.13
CA GLU E 201 17.92 8.84 -21.53
C GLU E 201 18.84 7.99 -22.40
N PHE E 202 18.28 7.10 -23.21
CA PHE E 202 19.11 6.28 -24.09
C PHE E 202 19.81 7.12 -25.16
N LEU E 203 19.21 8.26 -25.53
CA LEU E 203 19.83 9.15 -26.52
C LEU E 203 21.07 9.85 -25.98
N TYR E 204 21.40 9.66 -24.70
CA TYR E 204 22.64 10.18 -24.15
C TYR E 204 23.86 9.67 -24.91
N GLU E 205 23.72 8.53 -25.61
CA GLU E 205 24.83 8.01 -26.40
C GLU E 205 25.20 8.96 -27.53
N LEU E 206 24.21 9.59 -28.17
CA LEU E 206 24.42 10.44 -29.33
C LEU E 206 24.45 11.93 -28.97
N TYR E 207 23.48 12.39 -28.18
CA TYR E 207 23.35 13.80 -27.80
C TYR E 207 23.39 13.88 -26.28
N PRO E 208 24.57 13.75 -25.68
CA PRO E 208 24.63 13.69 -24.20
C PRO E 208 24.31 15.00 -23.52
N ALA E 209 24.77 16.13 -24.07
CA ALA E 209 24.54 17.42 -23.41
C ALA E 209 23.07 17.83 -23.50
N GLU E 210 22.41 17.51 -24.62
CA GLU E 210 21.00 17.85 -24.76
C GLU E 210 20.13 16.94 -23.91
N VAL E 211 20.50 15.66 -23.78
CA VAL E 211 19.73 14.73 -22.99
C VAL E 211 19.87 15.04 -21.50
N LEU E 212 21.09 15.42 -21.08
CA LEU E 212 21.29 15.84 -19.69
C LEU E 212 20.52 17.12 -19.39
N ALA E 213 20.56 18.09 -20.31
CA ALA E 213 19.89 19.36 -20.08
C ALA E 213 18.39 19.17 -19.92
N TYR E 214 17.79 18.28 -20.71
CA TYR E 214 16.37 17.97 -20.53
C TYR E 214 16.12 17.40 -19.14
N THR E 215 17.04 16.57 -18.65
CA THR E 215 16.90 16.04 -17.29
C THR E 215 16.96 17.16 -16.26
N LEU E 216 17.79 18.18 -16.50
CA LEU E 216 17.87 19.31 -15.59
C LEU E 216 16.55 20.08 -15.55
N VAL E 217 15.91 20.25 -16.71
CA VAL E 217 14.64 20.98 -16.76
C VAL E 217 13.56 20.20 -16.02
N ARG E 218 13.56 18.87 -16.16
CA ARG E 218 12.60 18.06 -15.43
C ARG E 218 12.83 18.15 -13.93
N LEU E 219 14.10 18.25 -13.51
CA LEU E 219 14.39 18.31 -12.08
C LEU E 219 13.91 19.64 -11.48
N GLN E 220 14.23 20.75 -12.13
CA GLN E 220 13.87 22.05 -11.56
C GLN E 220 12.41 22.39 -11.82
N TYR E 221 11.89 22.05 -12.99
CA TYR E 221 10.51 22.36 -13.36
C TYR E 221 9.58 21.15 -13.23
N ARG E 222 9.81 20.30 -12.24
CA ARG E 222 9.01 19.10 -12.11
C ARG E 222 7.54 19.43 -11.83
N LYS E 223 7.27 20.41 -10.97
CA LYS E 223 5.91 20.81 -10.69
C LYS E 223 5.25 21.44 -11.91
N ASN E 224 6.03 22.23 -12.67
CA ASN E 224 5.51 22.82 -13.90
C ASN E 224 5.12 21.74 -14.92
N LEU E 225 5.78 20.59 -14.90
CA LEU E 225 5.53 19.51 -15.83
C LEU E 225 4.68 18.39 -15.22
N ASN E 226 4.10 18.63 -14.04
CA ASN E 226 3.16 17.71 -13.41
C ASN E 226 3.79 16.37 -13.06
N ILE E 227 5.11 16.34 -12.84
CA ILE E 227 5.75 15.14 -12.32
C ILE E 227 5.23 14.93 -10.89
N PRO E 228 4.61 13.80 -10.59
CA PRO E 228 3.99 13.62 -9.28
C PRO E 228 5.01 13.71 -8.15
N ASP E 229 4.53 14.15 -6.99
CA ASP E 229 5.38 14.20 -5.80
C ASP E 229 5.75 12.82 -5.31
N SER E 230 5.03 11.77 -5.75
CA SER E 230 5.43 10.40 -5.43
C SER E 230 6.69 9.97 -6.15
N MET E 231 7.15 10.75 -7.13
CA MET E 231 8.38 10.47 -7.85
C MET E 231 9.52 11.26 -7.22
N THR E 232 10.49 10.55 -6.65
CA THR E 232 11.61 11.18 -5.98
C THR E 232 12.44 12.00 -6.97
N ASP E 233 13.16 13.00 -6.44
CA ASP E 233 14.18 13.66 -7.24
C ASP E 233 15.19 12.65 -7.77
N ALA E 234 15.56 11.66 -6.95
CA ALA E 234 16.43 10.60 -7.40
C ALA E 234 15.78 9.80 -8.53
N ASP E 235 14.47 9.56 -8.42
CA ASP E 235 13.78 8.79 -9.46
C ASP E 235 13.79 9.51 -10.79
N ILE E 236 13.79 10.85 -10.78
CA ILE E 236 13.80 11.61 -12.03
C ILE E 236 15.12 11.40 -12.77
N VAL E 237 16.22 11.29 -12.03
CA VAL E 237 17.55 11.20 -12.63
C VAL E 237 18.13 9.79 -12.57
N SER E 238 17.45 8.84 -11.91
CA SER E 238 18.03 7.53 -11.69
C SER E 238 18.41 6.85 -13.01
N SER E 239 17.57 7.02 -14.04
CA SER E 239 17.83 6.35 -15.31
C SER E 239 19.03 6.93 -16.03
N LEU E 240 19.15 8.27 -16.04
CA LEU E 240 20.26 8.90 -16.74
C LEU E 240 21.59 8.59 -16.05
N VAL E 241 21.57 8.49 -14.71
CA VAL E 241 22.78 8.16 -13.98
C VAL E 241 23.28 6.78 -14.40
N MET E 242 22.35 5.88 -14.72
CA MET E 242 22.72 4.54 -15.15
C MET E 242 23.35 4.57 -16.54
N LYS E 243 22.81 5.36 -17.45
CA LYS E 243 23.40 5.50 -18.78
C LYS E 243 24.79 6.11 -18.66
N MET E 244 24.98 7.05 -17.74
CA MET E 244 26.30 7.67 -17.58
C MET E 244 27.28 6.69 -16.94
N ASN E 245 26.79 5.89 -15.99
CA ASN E 245 27.65 4.91 -15.32
C ASN E 245 28.18 3.89 -16.32
N ARG E 246 27.40 3.58 -17.33
CA ARG E 246 27.88 2.63 -18.37
C ARG E 246 28.93 3.33 -19.22
N ILE E 247 28.61 4.50 -19.77
CA ILE E 247 29.53 5.24 -20.67
C ILE E 247 30.74 5.82 -19.94
N HIS E 248 30.55 6.43 -18.78
CA HIS E 248 31.67 7.13 -18.11
C HIS E 248 32.35 6.26 -17.05
N LYS E 249 31.78 5.11 -16.68
CA LYS E 249 32.38 4.31 -15.58
C LYS E 249 32.51 5.20 -14.34
N LEU E 250 31.39 5.60 -13.75
CA LEU E 250 31.38 6.58 -12.64
C LEU E 250 32.09 6.10 -11.36
N GLU E 251 32.26 4.80 -11.16
CA GLU E 251 33.04 4.35 -9.99
C GLU E 251 34.47 4.90 -10.11
N GLN E 252 34.99 4.93 -11.34
CA GLN E 252 36.36 5.42 -11.58
C GLN E 252 36.35 6.93 -11.85
N THR E 253 35.61 7.39 -12.87
CA THR E 253 35.60 8.79 -13.23
C THR E 253 34.45 9.51 -12.53
N SER E 254 34.61 10.83 -12.35
CA SER E 254 33.66 11.63 -11.60
C SER E 254 32.69 12.34 -12.55
N PHE E 255 31.68 12.98 -11.95
CA PHE E 255 30.71 13.75 -12.72
C PHE E 255 31.36 14.95 -13.39
N ASP E 256 32.26 15.64 -12.67
CA ASP E 256 32.91 16.81 -13.24
C ASP E 256 33.71 16.46 -14.49
N GLU E 257 34.33 15.28 -14.52
CA GLU E 257 35.04 14.87 -15.71
C GLU E 257 34.07 14.55 -16.85
N ALA E 258 32.92 13.96 -16.51
CA ALA E 258 31.90 13.71 -17.53
C ALA E 258 31.36 15.02 -18.10
N LEU E 259 31.06 15.98 -17.23
CA LEU E 259 30.51 17.26 -17.68
C LEU E 259 31.51 18.00 -18.56
N ASN E 260 32.80 17.92 -18.22
CA ASN E 260 33.81 18.60 -19.03
C ASN E 260 34.01 17.93 -20.38
N LEU E 261 33.78 16.61 -20.45
CA LEU E 261 33.95 15.89 -21.71
C LEU E 261 32.80 16.18 -22.68
N ILE E 262 31.57 16.28 -22.17
CA ILE E 262 30.43 16.55 -23.05
C ILE E 262 30.25 18.04 -23.31
N GLY E 263 30.69 18.89 -22.39
CA GLY E 263 30.61 20.33 -22.58
C GLY E 263 29.54 21.00 -21.73
N LYS E 264 29.97 21.66 -20.63
CA LYS E 264 29.00 22.32 -19.77
C LYS E 264 28.31 23.47 -20.48
N ASP E 265 28.96 24.05 -21.49
CA ASP E 265 28.32 25.10 -22.28
C ASP E 265 27.32 24.50 -23.28
N ASN E 266 27.64 23.33 -23.83
CA ASN E 266 26.68 22.62 -24.67
C ASN E 266 25.43 22.27 -23.87
N VAL E 267 25.59 21.86 -22.61
CA VAL E 267 24.45 21.61 -21.74
C VAL E 267 23.66 22.89 -21.52
N SER E 268 24.36 24.02 -21.35
CA SER E 268 23.70 25.29 -21.07
C SER E 268 22.86 25.75 -22.25
N GLU E 269 23.37 25.58 -23.48
CA GLU E 269 22.61 26.02 -24.65
C GLU E 269 21.33 25.21 -24.81
N ALA E 270 21.40 23.91 -24.55
CA ALA E 270 20.18 23.10 -24.57
C ALA E 270 19.27 23.44 -23.40
N TYR E 271 19.84 23.86 -22.26
CA TYR E 271 19.02 24.16 -21.08
C TYR E 271 18.14 25.37 -21.32
N VAL E 272 18.73 26.51 -21.68
CA VAL E 272 17.94 27.72 -21.90
C VAL E 272 17.00 27.53 -23.09
N GLU E 273 17.36 26.65 -24.02
CA GLU E 273 16.46 26.36 -25.14
C GLU E 273 15.22 25.62 -24.66
N LEU E 274 15.39 24.72 -23.68
CA LEU E 274 14.27 23.91 -23.19
C LEU E 274 13.50 24.57 -22.06
N ALA E 275 14.16 25.41 -21.27
CA ALA E 275 13.53 26.08 -20.14
C ALA E 275 12.99 27.47 -20.49
N ARG E 276 13.01 27.83 -21.78
CA ARG E 276 12.65 29.19 -22.17
C ARG E 276 11.17 29.47 -21.96
N ASP E 277 10.31 28.56 -22.41
CA ASP E 277 8.87 28.78 -22.45
C ASP E 277 8.10 27.88 -21.48
N ILE E 278 8.75 27.44 -20.40
CA ILE E 278 8.03 26.70 -19.38
C ILE E 278 6.92 27.58 -18.81
N GLY E 279 5.71 27.03 -18.74
CA GLY E 279 4.59 27.78 -18.22
C GLY E 279 4.78 28.15 -16.77
N SER E 280 4.27 29.33 -16.40
CA SER E 280 4.41 29.83 -15.04
C SER E 280 3.56 29.04 -14.05
N THR E 281 2.54 28.33 -14.53
CA THR E 281 1.64 27.59 -13.68
C THR E 281 1.52 26.15 -14.15
N SER E 282 0.99 25.33 -13.26
CA SER E 282 0.57 23.96 -13.55
C SER E 282 -0.49 23.60 -12.52
N LYS E 283 -1.21 22.52 -12.80
CA LYS E 283 -2.09 21.96 -11.78
C LYS E 283 -1.33 21.66 -10.50
N THR E 284 -0.13 21.10 -10.63
CA THR E 284 0.66 20.73 -9.46
C THR E 284 1.16 21.96 -8.72
N LYS E 285 1.59 23.00 -9.44
CA LYS E 285 1.97 24.23 -8.76
C LYS E 285 0.77 24.87 -8.08
N ARG E 286 -0.39 24.85 -8.74
CA ARG E 286 -1.60 25.44 -8.15
C ARG E 286 -2.01 24.68 -6.90
N ASN E 287 -2.07 23.35 -6.99
CA ASN E 287 -2.43 22.55 -5.82
C ASN E 287 -1.45 22.78 -4.67
N ASP E 288 -0.16 22.87 -4.98
CA ASP E 288 0.82 23.11 -3.93
C ASP E 288 0.71 24.52 -3.37
N GLU E 289 0.39 25.49 -4.22
CA GLU E 289 0.16 26.84 -3.71
C GLU E 289 -1.16 26.93 -2.95
N ALA E 290 -2.16 26.14 -3.35
CA ALA E 290 -3.45 26.17 -2.67
C ALA E 290 -3.34 25.60 -1.27
N ILE E 291 -2.65 24.46 -1.11
CA ILE E 291 -2.49 23.84 0.20
C ILE E 291 -1.89 24.83 1.20
N LEU E 292 -0.94 25.65 0.75
CA LEU E 292 -0.30 26.60 1.65
C LEU E 292 -1.26 27.70 2.06
N LYS E 293 -1.93 28.33 1.08
CA LYS E 293 -2.91 29.36 1.41
C LYS E 293 -4.08 28.78 2.18
N PHE E 294 -4.40 27.51 1.94
CA PHE E 294 -5.46 26.87 2.70
C PHE E 294 -5.02 26.61 4.15
N ARG E 295 -3.74 26.29 4.36
CA ARG E 295 -3.25 26.07 5.71
C ARG E 295 -2.96 27.40 6.41
N GLU E 296 -2.69 28.45 5.64
CA GLU E 296 -2.70 29.80 6.20
C GLU E 296 -4.08 30.15 6.74
N LEU E 297 -5.12 29.80 5.99
CA LEU E 297 -6.47 30.27 6.31
C LEU E 297 -7.02 29.58 7.55
N ILE E 298 -6.81 28.26 7.65
CA ILE E 298 -7.23 27.54 8.84
C ILE E 298 -6.67 28.19 10.10
N ALA E 299 -5.38 28.54 10.08
CA ALA E 299 -4.78 29.19 11.25
C ALA E 299 -5.45 30.53 11.53
N SER E 300 -5.82 31.26 10.49
CA SER E 300 -6.43 32.57 10.69
C SER E 300 -7.81 32.43 11.31
N PHE E 301 -8.45 31.28 11.16
CA PHE E 301 -9.79 31.06 11.68
C PHE E 301 -9.79 30.36 13.04
N LEU E 302 -8.69 29.74 13.43
CA LEU E 302 -8.62 29.03 14.70
C LEU E 302 -9.04 29.88 15.90
N PRO E 303 -8.72 31.18 15.99
CA PRO E 303 -9.30 31.99 17.07
C PRO E 303 -10.81 32.05 17.03
N ALA E 304 -11.40 32.19 15.83
CA ALA E 304 -12.85 32.35 15.72
C ALA E 304 -13.58 31.09 16.16
N LEU E 305 -13.03 29.91 15.85
CA LEU E 305 -13.69 28.67 16.26
C LEU E 305 -13.64 28.51 17.78
N GLU E 306 -12.47 28.75 18.38
CA GLU E 306 -12.35 28.62 19.82
C GLU E 306 -13.30 29.57 20.54
N ALA E 307 -13.48 30.78 20.00
CA ALA E 307 -14.43 31.72 20.58
C ALA E 307 -15.85 31.16 20.53
N ASP E 308 -16.18 30.43 19.47
CA ASP E 308 -17.53 29.90 19.33
C ASP E 308 -17.83 28.83 20.38
N ARG E 309 -16.85 27.97 20.68
CA ARG E 309 -17.06 26.94 21.69
C ARG E 309 -17.17 27.54 23.09
N ILE E 310 -16.41 28.61 23.36
CA ILE E 310 -16.51 29.26 24.67
C ILE E 310 -17.88 29.90 24.84
N ALA E 311 -18.48 30.38 23.75
CA ALA E 311 -19.77 31.07 23.85
C ALA E 311 -20.87 30.11 24.26
N SER E 312 -20.94 28.95 23.64
CA SER E 312 -21.95 27.94 23.97
C SER E 312 -21.43 26.95 25.01
MG MG F . -18.43 6.06 9.62
MG MG G . -4.45 17.72 -20.62
MG MG H . 19.94 -3.65 -7.11
C1 GOL I . 14.94 5.10 -44.69
O1 GOL I . 15.93 4.26 -44.11
C2 GOL I . 15.52 6.45 -45.09
O2 GOL I . 14.54 7.22 -45.78
C3 GOL I . 16.09 7.23 -43.93
O3 GOL I . 16.16 8.62 -44.22
#